data_2ZJA
#
_entry.id   2ZJA
#
_cell.length_a   121.145
_cell.length_b   81.627
_cell.length_c   86.635
_cell.angle_alpha   90.00
_cell.angle_beta   112.83
_cell.angle_gamma   90.00
#
_symmetry.space_group_name_H-M   'C 1 2 1'
#
loop_
_entity.id
_entity.type
_entity.pdbx_description
1 polymer 'Putative ski2-type helicase'
2 non-polymer 'PHOSPHOMETHYLPHOSPHONIC ACID ADENYLATE ESTER'
3 water water
#
_entity_poly.entity_id   1
_entity_poly.type   'polypeptide(L)'
_entity_poly.pdbx_seq_one_letter_code
;MRVDELRVDERIKSTLKERGIESFYPPQAEALKSGILEGKNALISIPTASGKTLIAEIAMVHRILTQGGKAVYIVPLKAL
AEEKFQEFQDWEKIGLRVAMATGDYDSKDEWLGKYDIIIATAEKFDSLLRHGSSWIKDVKILVADEIHLIGSRDRGATLE
VILAHMLGKAQIIGLSATIGNPEELAEWLNAELIVSDWRPVKLRRGVFYQGFVTWEDGSIDRFSSWEELVYDAIRKKKGA
LIFVNMRRKAERVALELSKKVKSLLTKPEIRALNELADSLEENPTNEKLAKAIRGGVAFHHAGLGRDERVLVEENFRKGI
IKAVVATPTLSAGINTPAFRVIIRDIWRYSDFGMERIPIIEVHQMLGRAGRPKYDEVGEGIIVSTSDDPREVMNHYIFGK
PEKLFSQLSNESNLRSQVLALIATFGYSTVEEILKFISNTFYAYQRKDTYSLEEKIRNILYFLLENEFIEISLEDKIRPL
SLGIRTAKLYIDPYTAKMFKDKMEEVVKDPNPIGIFHLISLTPDITPFNYSKREFERLEEEYYEFKDRLYFDDPYISGYD
PYLERKFFRAFKTALVLLAWINEVPEGEIVEKYSVEPGDIYRIVETAEWLVYSLKEIAKVLGAYEIVDYLETLRVRVKYG
IREELIPLMQLPLVGRRRARALYNSGFRSIEDISQARPEELLKIEGIGVKTVEAIFKFLGKNVKISEKPRKSTLDYFLKS
;
_entity_poly.pdbx_strand_id   A
#
loop_
_chem_comp.id
_chem_comp.type
_chem_comp.name
_chem_comp.formula
ACP non-polymer 'PHOSPHOMETHYLPHOSPHONIC ACID ADENYLATE ESTER' 'C11 H18 N5 O12 P3'
#
# COMPACT_ATOMS: atom_id res chain seq x y z
N MET A 1 22.87 12.72 -21.22
CA MET A 1 22.86 12.33 -22.66
C MET A 1 21.45 12.48 -23.26
N ARG A 2 21.38 12.50 -24.59
CA ARG A 2 20.11 12.66 -25.29
C ARG A 2 19.41 11.33 -25.52
N VAL A 3 18.10 11.39 -25.67
CA VAL A 3 17.29 10.21 -25.89
C VAL A 3 17.83 9.36 -27.03
N ASP A 4 17.79 9.90 -28.24
CA ASP A 4 18.25 9.17 -29.44
C ASP A 4 19.58 8.44 -29.33
N GLU A 5 20.52 9.01 -28.56
CA GLU A 5 21.84 8.39 -28.35
C GLU A 5 21.68 7.00 -27.73
N LEU A 6 20.56 6.79 -27.05
CA LEU A 6 20.27 5.54 -26.40
C LEU A 6 20.17 4.39 -27.41
N ARG A 7 21.14 3.49 -27.41
CA ARG A 7 21.13 2.38 -28.34
C ARG A 7 20.05 1.39 -27.93
N VAL A 8 18.79 1.76 -28.16
CA VAL A 8 17.64 0.91 -27.84
C VAL A 8 16.66 0.90 -29.01
N ASP A 9 15.68 0.00 -28.96
CA ASP A 9 14.69 -0.09 -30.03
C ASP A 9 14.08 1.27 -30.31
N GLU A 10 14.09 1.64 -31.58
CA GLU A 10 13.58 2.92 -32.05
C GLU A 10 12.21 3.34 -31.54
N ARG A 11 11.34 2.37 -31.26
CA ARG A 11 10.00 2.68 -30.77
C ARG A 11 9.98 3.28 -29.37
N ILE A 12 11.01 2.98 -28.57
CA ILE A 12 11.14 3.52 -27.22
C ILE A 12 11.47 5.01 -27.35
N LYS A 13 12.49 5.32 -28.14
CA LYS A 13 12.95 6.69 -28.38
C LYS A 13 11.77 7.60 -28.77
N SER A 14 10.91 7.08 -29.64
CA SER A 14 9.74 7.82 -30.09
C SER A 14 8.77 8.15 -28.96
N THR A 15 8.47 7.16 -28.11
CA THR A 15 7.55 7.33 -26.99
C THR A 15 8.06 8.37 -26.01
N LEU A 16 9.36 8.34 -25.76
CA LEU A 16 10.01 9.27 -24.85
C LEU A 16 9.85 10.72 -25.30
N LYS A 17 9.81 10.94 -26.62
CA LYS A 17 9.62 12.29 -27.16
C LYS A 17 8.15 12.64 -27.10
N GLU A 18 7.29 11.72 -27.52
CA GLU A 18 5.85 11.97 -27.50
C GLU A 18 5.46 12.34 -26.06
N ARG A 19 6.29 11.96 -25.10
CA ARG A 19 6.07 12.27 -23.69
C ARG A 19 6.52 13.70 -23.49
N GLY A 20 7.83 13.91 -23.55
CA GLY A 20 8.40 15.23 -23.39
C GLY A 20 9.87 15.18 -23.10
N ILE A 21 10.43 13.97 -23.08
CA ILE A 21 11.84 13.78 -22.78
C ILE A 21 12.68 13.83 -24.04
N GLU A 22 13.74 14.66 -23.99
CA GLU A 22 14.69 14.84 -25.07
C GLU A 22 16.07 14.40 -24.58
N SER A 23 16.34 14.63 -23.29
CA SER A 23 17.63 14.26 -22.70
C SER A 23 17.50 13.66 -21.31
N PHE A 24 18.54 12.94 -20.91
CA PHE A 24 18.59 12.27 -19.61
C PHE A 24 19.37 12.98 -18.52
N TYR A 25 18.91 12.81 -17.30
CA TYR A 25 19.57 13.36 -16.13
C TYR A 25 20.84 12.53 -15.96
N PRO A 26 21.93 13.16 -15.49
CA PRO A 26 23.19 12.43 -15.32
C PRO A 26 23.01 11.03 -14.68
N PRO A 27 22.27 10.94 -13.55
CA PRO A 27 22.07 9.62 -12.91
C PRO A 27 21.48 8.62 -13.91
N GLN A 28 20.48 9.06 -14.65
CA GLN A 28 19.81 8.23 -15.65
C GLN A 28 20.79 7.74 -16.70
N ALA A 29 21.54 8.68 -17.27
CA ALA A 29 22.53 8.35 -18.27
C ALA A 29 23.45 7.27 -17.72
N GLU A 30 24.06 7.55 -16.57
CA GLU A 30 24.96 6.61 -15.91
C GLU A 30 24.33 5.22 -15.81
N ALA A 31 23.07 5.20 -15.39
CA ALA A 31 22.33 3.95 -15.24
C ALA A 31 22.02 3.27 -16.57
N LEU A 32 21.60 4.06 -17.57
CA LEU A 32 21.24 3.51 -18.88
C LEU A 32 22.42 2.94 -19.65
N LYS A 33 23.62 3.29 -19.20
CA LYS A 33 24.84 2.81 -19.82
C LYS A 33 25.64 2.01 -18.81
N SER A 34 24.96 1.50 -17.80
CA SER A 34 25.60 0.70 -16.77
C SER A 34 25.78 -0.72 -17.26
N GLY A 35 24.83 -1.16 -18.09
CA GLY A 35 24.88 -2.50 -18.62
C GLY A 35 23.51 -3.13 -18.55
N ILE A 36 22.54 -2.37 -18.04
CA ILE A 36 21.17 -2.86 -17.89
C ILE A 36 20.55 -3.11 -19.25
N LEU A 37 21.09 -2.41 -20.25
CA LEU A 37 20.60 -2.57 -21.61
C LEU A 37 21.04 -3.96 -22.10
N GLU A 38 22.19 -4.41 -21.62
CA GLU A 38 22.73 -5.73 -21.95
C GLU A 38 22.11 -6.83 -21.08
N GLY A 39 20.98 -6.53 -20.43
CA GLY A 39 20.31 -7.48 -19.57
C GLY A 39 20.97 -7.70 -18.21
N LYS A 40 21.87 -6.79 -17.84
CA LYS A 40 22.58 -6.89 -16.57
C LYS A 40 21.73 -6.38 -15.42
N ASN A 41 22.03 -6.84 -14.21
CA ASN A 41 21.30 -6.42 -13.02
C ASN A 41 21.87 -5.13 -12.49
N ALA A 42 21.02 -4.29 -11.91
CA ALA A 42 21.50 -3.02 -11.39
C ALA A 42 20.69 -2.46 -10.23
N LEU A 43 21.37 -1.76 -9.34
CA LEU A 43 20.73 -1.11 -8.19
C LEU A 43 20.90 0.39 -8.38
N ILE A 44 19.80 1.07 -8.74
CA ILE A 44 19.82 2.52 -8.96
C ILE A 44 19.38 3.22 -7.68
N SER A 45 20.35 3.80 -6.98
CA SER A 45 20.07 4.52 -5.74
C SER A 45 20.31 6.01 -5.94
N ILE A 46 19.27 6.72 -6.40
CA ILE A 46 19.36 8.14 -6.64
C ILE A 46 18.08 8.79 -6.11
N PRO A 47 18.11 10.10 -5.82
CA PRO A 47 16.95 10.84 -5.32
C PRO A 47 15.73 10.62 -6.23
N THR A 48 14.53 10.61 -5.66
CA THR A 48 13.33 10.38 -6.48
C THR A 48 13.02 11.50 -7.47
N ALA A 49 13.66 12.63 -7.33
CA ALA A 49 13.40 13.71 -8.27
C ALA A 49 14.13 13.38 -9.58
N SER A 50 15.14 12.51 -9.48
CA SER A 50 15.99 12.15 -10.62
C SER A 50 15.53 11.17 -11.69
N GLY A 51 14.29 10.70 -11.59
CA GLY A 51 13.74 9.80 -12.58
C GLY A 51 14.14 8.35 -12.62
N LYS A 52 13.91 7.63 -11.52
CA LYS A 52 14.25 6.21 -11.47
C LYS A 52 13.32 5.37 -12.36
N THR A 53 12.02 5.70 -12.37
CA THR A 53 11.05 4.96 -13.16
C THR A 53 11.43 4.88 -14.64
N LEU A 54 11.66 6.04 -15.25
CA LEU A 54 12.03 6.12 -16.66
C LEU A 54 13.14 5.11 -17.00
N ILE A 55 14.18 5.05 -16.17
CA ILE A 55 15.30 4.12 -16.37
C ILE A 55 14.77 2.69 -16.42
N ALA A 56 13.89 2.36 -15.49
CA ALA A 56 13.30 1.03 -15.42
C ALA A 56 12.45 0.71 -16.65
N GLU A 57 11.63 1.66 -17.10
CA GLU A 57 10.78 1.45 -18.28
C GLU A 57 11.63 1.19 -19.51
N ILE A 58 12.56 2.09 -19.78
CA ILE A 58 13.44 1.93 -20.93
C ILE A 58 14.06 0.54 -20.88
N ALA A 59 14.60 0.18 -19.72
CA ALA A 59 15.24 -1.11 -19.51
C ALA A 59 14.27 -2.28 -19.72
N MET A 60 13.06 -2.16 -19.16
CA MET A 60 12.03 -3.18 -19.28
C MET A 60 11.62 -3.40 -20.72
N VAL A 61 11.05 -2.35 -21.32
CA VAL A 61 10.58 -2.39 -22.69
C VAL A 61 11.66 -2.90 -23.65
N HIS A 62 12.89 -2.44 -23.44
CA HIS A 62 14.01 -2.85 -24.26
C HIS A 62 14.13 -4.36 -24.21
N ARG A 63 14.38 -4.87 -23.00
CA ARG A 63 14.53 -6.30 -22.74
C ARG A 63 13.42 -7.08 -23.39
N ILE A 64 12.20 -6.54 -23.32
CA ILE A 64 11.04 -7.21 -23.88
C ILE A 64 10.93 -7.20 -25.40
N LEU A 65 11.30 -6.11 -26.04
CA LEU A 65 11.23 -6.05 -27.50
C LEU A 65 12.39 -6.78 -28.12
N THR A 66 13.55 -6.75 -27.46
CA THR A 66 14.73 -7.42 -27.99
C THR A 66 14.82 -8.91 -27.67
N GLN A 67 14.02 -9.36 -26.72
CA GLN A 67 14.04 -10.78 -26.36
C GLN A 67 12.68 -11.36 -26.06
N GLY A 68 11.62 -10.61 -26.36
CA GLY A 68 10.27 -11.07 -26.10
C GLY A 68 10.01 -11.30 -24.62
N GLY A 69 8.83 -11.80 -24.30
CA GLY A 69 8.51 -12.10 -22.92
C GLY A 69 7.76 -11.04 -22.14
N LYS A 70 7.93 -11.08 -20.83
CA LYS A 70 7.27 -10.15 -19.93
C LYS A 70 8.23 -9.41 -19.01
N ALA A 71 7.80 -8.24 -18.56
CA ALA A 71 8.58 -7.41 -17.65
C ALA A 71 7.67 -7.16 -16.44
N VAL A 72 8.11 -7.59 -15.26
CA VAL A 72 7.34 -7.44 -14.03
C VAL A 72 7.78 -6.25 -13.19
N TYR A 73 6.87 -5.31 -12.96
CA TYR A 73 7.18 -4.13 -12.16
C TYR A 73 6.56 -4.23 -10.76
N ILE A 74 7.42 -4.26 -9.74
CA ILE A 74 6.96 -4.39 -8.36
C ILE A 74 6.87 -3.07 -7.62
N VAL A 75 5.64 -2.69 -7.28
CA VAL A 75 5.35 -1.48 -6.54
C VAL A 75 5.03 -1.88 -5.09
N PRO A 76 5.20 -0.95 -4.14
CA PRO A 76 4.96 -1.17 -2.71
C PRO A 76 3.52 -1.46 -2.29
N LEU A 77 2.56 -0.67 -2.78
CA LEU A 77 1.16 -0.80 -2.41
C LEU A 77 0.26 -0.84 -3.62
N LYS A 78 -0.94 -1.42 -3.47
CA LYS A 78 -1.92 -1.52 -4.56
C LYS A 78 -2.22 -0.15 -5.14
N ALA A 79 -2.46 0.82 -4.27
CA ALA A 79 -2.76 2.19 -4.68
C ALA A 79 -1.73 2.76 -5.64
N LEU A 80 -0.49 2.29 -5.54
CA LEU A 80 0.58 2.75 -6.43
C LEU A 80 0.69 1.89 -7.70
N ALA A 81 -0.20 0.91 -7.83
CA ALA A 81 -0.21 0.04 -9.00
C ALA A 81 -0.87 0.85 -10.13
N GLU A 82 -1.98 1.52 -9.78
CA GLU A 82 -2.76 2.35 -10.70
C GLU A 82 -1.94 3.49 -11.31
N GLU A 83 -1.24 4.27 -10.49
CA GLU A 83 -0.43 5.38 -10.97
C GLU A 83 0.56 4.86 -11.99
N LYS A 84 1.21 3.75 -11.67
CA LYS A 84 2.18 3.13 -12.56
C LYS A 84 1.47 2.59 -13.81
N PHE A 85 0.28 2.03 -13.59
CA PHE A 85 -0.53 1.50 -14.68
C PHE A 85 -0.83 2.57 -15.71
N GLN A 86 -1.21 3.77 -15.24
CA GLN A 86 -1.51 4.88 -16.12
C GLN A 86 -0.26 5.38 -16.82
N GLU A 87 0.76 5.75 -16.07
CA GLU A 87 1.97 6.24 -16.70
C GLU A 87 2.72 5.25 -17.60
N PHE A 88 2.21 4.02 -17.67
CA PHE A 88 2.82 2.97 -18.51
C PHE A 88 1.96 2.75 -19.76
N GLN A 89 0.75 3.29 -19.72
CA GLN A 89 -0.20 3.16 -20.83
C GLN A 89 0.37 3.45 -22.20
N ASP A 90 1.11 4.55 -22.34
CA ASP A 90 1.62 4.89 -23.66
C ASP A 90 2.42 3.78 -24.38
N TRP A 91 2.81 2.74 -23.63
CA TRP A 91 3.54 1.60 -24.20
C TRP A 91 2.63 0.63 -24.98
N GLU A 92 1.31 0.85 -24.88
CA GLU A 92 0.32 0.04 -25.60
C GLU A 92 0.42 0.46 -27.07
N LYS A 93 0.63 1.76 -27.28
CA LYS A 93 0.74 2.32 -28.63
C LYS A 93 1.75 1.54 -29.45
N ILE A 94 2.85 1.12 -28.84
CA ILE A 94 3.86 0.34 -29.57
C ILE A 94 3.68 -1.18 -29.49
N GLY A 95 2.48 -1.63 -29.18
CA GLY A 95 2.25 -3.06 -29.13
C GLY A 95 2.32 -3.79 -27.80
N LEU A 96 2.87 -3.17 -26.77
CA LEU A 96 2.99 -3.82 -25.46
C LEU A 96 1.76 -3.68 -24.59
N ARG A 97 1.10 -4.80 -24.32
CA ARG A 97 -0.11 -4.82 -23.47
C ARG A 97 0.29 -4.76 -22.02
N VAL A 98 -0.32 -3.84 -21.27
CA VAL A 98 -0.01 -3.66 -19.85
C VAL A 98 -1.18 -4.07 -18.94
N ALA A 99 -0.86 -4.60 -17.76
CA ALA A 99 -1.89 -5.03 -16.81
C ALA A 99 -1.51 -4.84 -15.35
N MET A 100 -2.52 -4.83 -14.48
CA MET A 100 -2.34 -4.69 -13.03
C MET A 100 -2.71 -6.02 -12.35
N ALA A 101 -2.06 -6.28 -11.22
CA ALA A 101 -2.28 -7.50 -10.43
C ALA A 101 -1.95 -7.14 -8.97
N THR A 102 -2.97 -6.96 -8.12
CA THR A 102 -2.69 -6.58 -6.72
C THR A 102 -3.36 -7.40 -5.64
N GLY A 103 -4.43 -8.09 -6.01
CA GLY A 103 -5.17 -8.91 -5.06
C GLY A 103 -5.45 -10.28 -5.64
N ASP A 104 -6.47 -10.94 -5.10
CA ASP A 104 -6.85 -12.28 -5.55
C ASP A 104 -5.64 -13.19 -5.53
N TYR A 105 -5.11 -13.37 -4.33
CA TYR A 105 -3.95 -14.21 -4.14
C TYR A 105 -4.21 -15.65 -4.55
N ASP A 106 -5.40 -16.14 -4.23
CA ASP A 106 -5.79 -17.51 -4.54
C ASP A 106 -6.12 -17.77 -6.01
N SER A 107 -5.19 -17.41 -6.90
CA SER A 107 -5.39 -17.60 -8.33
C SER A 107 -4.12 -17.53 -9.14
N LYS A 108 -4.05 -18.36 -10.17
CA LYS A 108 -2.90 -18.39 -11.06
C LYS A 108 -2.94 -17.16 -11.94
N ASP A 109 -4.14 -16.59 -12.08
CA ASP A 109 -4.34 -15.42 -12.93
C ASP A 109 -3.64 -15.69 -14.27
N GLU A 110 -4.12 -16.73 -14.94
CA GLU A 110 -3.58 -17.14 -16.22
C GLU A 110 -3.82 -16.11 -17.29
N TRP A 111 -4.88 -15.33 -17.12
CA TRP A 111 -5.24 -14.26 -18.06
C TRP A 111 -4.07 -13.32 -18.28
N LEU A 112 -3.22 -13.20 -17.26
CA LEU A 112 -2.04 -12.35 -17.31
C LEU A 112 -1.06 -12.83 -18.35
N GLY A 113 -1.18 -14.11 -18.69
CA GLY A 113 -0.28 -14.73 -19.65
C GLY A 113 -0.22 -14.01 -20.98
N LYS A 114 -1.31 -13.35 -21.34
CA LYS A 114 -1.39 -12.64 -22.60
C LYS A 114 -0.91 -11.17 -22.52
N TYR A 115 -0.13 -10.84 -21.49
CA TYR A 115 0.37 -9.47 -21.31
C TYR A 115 1.89 -9.37 -21.36
N ASP A 116 2.40 -8.17 -21.63
CA ASP A 116 3.84 -7.95 -21.73
C ASP A 116 4.47 -7.21 -20.57
N ILE A 117 3.64 -6.51 -19.80
CA ILE A 117 4.12 -5.75 -18.67
C ILE A 117 3.09 -5.90 -17.59
N ILE A 118 3.50 -6.50 -16.46
CA ILE A 118 2.62 -6.73 -15.33
C ILE A 118 3.08 -5.95 -14.10
N ILE A 119 2.19 -5.11 -13.59
CA ILE A 119 2.43 -4.30 -12.41
C ILE A 119 1.72 -4.96 -11.24
N ALA A 120 2.51 -5.51 -10.32
CA ALA A 120 1.98 -6.19 -9.15
C ALA A 120 2.72 -5.80 -7.86
N THR A 121 2.10 -6.10 -6.72
CA THR A 121 2.76 -5.82 -5.45
C THR A 121 3.62 -7.05 -5.16
N ALA A 122 4.51 -6.94 -4.18
CA ALA A 122 5.38 -8.06 -3.82
C ALA A 122 4.55 -9.26 -3.37
N GLU A 123 3.46 -8.96 -2.66
CA GLU A 123 2.57 -10.01 -2.17
C GLU A 123 1.91 -10.75 -3.34
N LYS A 124 1.31 -9.99 -4.25
CA LYS A 124 0.62 -10.57 -5.40
C LYS A 124 1.55 -11.45 -6.22
N PHE A 125 2.76 -10.96 -6.45
CA PHE A 125 3.74 -11.71 -7.23
C PHE A 125 4.22 -12.95 -6.47
N ASP A 126 4.28 -12.86 -5.14
CA ASP A 126 4.69 -13.97 -4.32
C ASP A 126 3.62 -15.05 -4.51
N SER A 127 2.36 -14.68 -4.32
CA SER A 127 1.25 -15.60 -4.49
C SER A 127 1.26 -16.26 -5.86
N LEU A 128 1.45 -15.46 -6.92
CA LEU A 128 1.48 -15.96 -8.30
C LEU A 128 2.57 -16.99 -8.51
N LEU A 129 3.72 -16.77 -7.88
CA LEU A 129 4.84 -17.69 -7.97
C LEU A 129 4.50 -18.96 -7.19
N ARG A 130 3.64 -18.84 -6.18
CA ARG A 130 3.26 -20.00 -5.40
C ARG A 130 2.30 -20.85 -6.21
N HIS A 131 1.37 -20.19 -6.89
CA HIS A 131 0.40 -20.87 -7.74
C HIS A 131 1.07 -21.43 -8.99
N GLY A 132 2.35 -21.10 -9.17
CA GLY A 132 3.11 -21.58 -10.32
C GLY A 132 2.55 -21.26 -11.69
N SER A 133 2.00 -20.06 -11.88
CA SER A 133 1.43 -19.64 -13.16
C SER A 133 2.37 -19.92 -14.33
N SER A 134 1.81 -20.45 -15.42
CA SER A 134 2.56 -20.84 -16.62
C SER A 134 3.30 -19.69 -17.31
N TRP A 135 2.87 -18.47 -17.07
CA TRP A 135 3.51 -17.33 -17.68
C TRP A 135 4.71 -16.79 -16.90
N ILE A 136 4.98 -17.35 -15.72
CA ILE A 136 6.10 -16.87 -14.92
C ILE A 136 7.45 -17.12 -15.56
N LYS A 137 7.65 -18.30 -16.17
CA LYS A 137 8.92 -18.58 -16.82
C LYS A 137 9.13 -17.64 -18.01
N ASP A 138 8.06 -16.95 -18.40
CA ASP A 138 8.11 -16.00 -19.51
C ASP A 138 8.82 -14.70 -19.16
N VAL A 139 8.84 -14.36 -17.87
CA VAL A 139 9.46 -13.14 -17.37
C VAL A 139 10.97 -13.10 -17.53
N LYS A 140 11.41 -12.04 -18.21
CA LYS A 140 12.82 -11.78 -18.48
C LYS A 140 13.37 -10.71 -17.53
N ILE A 141 12.48 -9.90 -16.96
CA ILE A 141 12.93 -8.84 -16.08
C ILE A 141 11.89 -8.45 -15.03
N LEU A 142 12.36 -8.14 -13.83
CA LEU A 142 11.50 -7.71 -12.74
C LEU A 142 12.13 -6.48 -12.14
N VAL A 143 11.35 -5.41 -12.01
CA VAL A 143 11.89 -4.18 -11.40
C VAL A 143 11.33 -4.01 -9.99
N ALA A 144 12.22 -4.08 -8.99
CA ALA A 144 11.81 -3.88 -7.62
C ALA A 144 11.85 -2.39 -7.32
N ASP A 145 10.69 -1.75 -7.28
CA ASP A 145 10.64 -0.33 -7.00
C ASP A 145 10.64 -0.14 -5.49
N GLU A 146 11.27 0.94 -5.04
CA GLU A 146 11.37 1.24 -3.61
C GLU A 146 11.94 0.03 -2.89
N ILE A 147 12.98 -0.54 -3.50
CA ILE A 147 13.64 -1.74 -3.02
C ILE A 147 14.28 -1.64 -1.64
N HIS A 148 14.41 -0.42 -1.12
CA HIS A 148 14.98 -0.25 0.21
C HIS A 148 13.99 -0.76 1.25
N LEU A 149 12.73 -0.91 0.84
CA LEU A 149 11.69 -1.42 1.73
C LEU A 149 12.02 -2.86 2.10
N ILE A 150 13.09 -3.39 1.52
CA ILE A 150 13.50 -4.74 1.81
C ILE A 150 13.94 -4.75 3.28
N GLY A 151 14.38 -3.58 3.75
CA GLY A 151 14.80 -3.44 5.13
C GLY A 151 13.63 -3.06 6.02
N SER A 152 12.42 -3.14 5.48
CA SER A 152 11.19 -2.82 6.23
C SER A 152 10.60 -4.07 6.89
N ARG A 153 10.33 -3.98 8.19
CA ARG A 153 9.81 -5.10 8.97
C ARG A 153 8.50 -5.72 8.49
N ASP A 154 7.45 -4.91 8.44
CA ASP A 154 6.14 -5.41 8.04
C ASP A 154 6.08 -6.23 6.77
N ARG A 155 6.70 -5.74 5.70
CA ARG A 155 6.63 -6.45 4.42
C ARG A 155 7.96 -6.71 3.71
N GLY A 156 9.05 -6.21 4.26
CA GLY A 156 10.35 -6.41 3.63
C GLY A 156 10.71 -7.84 3.32
N ALA A 157 10.43 -8.77 4.23
CA ALA A 157 10.77 -10.18 4.03
C ALA A 157 10.18 -10.75 2.74
N THR A 158 8.94 -10.37 2.45
CA THR A 158 8.23 -10.82 1.25
C THR A 158 8.98 -10.30 0.01
N LEU A 159 9.35 -9.02 0.01
CA LEU A 159 10.09 -8.46 -1.13
C LEU A 159 11.40 -9.19 -1.33
N GLU A 160 12.01 -9.64 -0.25
CA GLU A 160 13.27 -10.36 -0.35
C GLU A 160 13.08 -11.77 -0.90
N VAL A 161 12.05 -12.48 -0.45
CA VAL A 161 11.81 -13.84 -0.92
C VAL A 161 11.54 -13.85 -2.43
N ILE A 162 10.70 -12.95 -2.92
CA ILE A 162 10.44 -12.93 -4.36
C ILE A 162 11.73 -12.64 -5.12
N LEU A 163 12.57 -11.77 -4.59
CA LEU A 163 13.86 -11.46 -5.22
C LEU A 163 14.78 -12.68 -5.22
N ALA A 164 14.94 -13.33 -4.06
CA ALA A 164 15.79 -14.51 -3.93
C ALA A 164 15.33 -15.61 -4.89
N HIS A 165 14.02 -15.70 -5.12
CA HIS A 165 13.45 -16.67 -6.05
C HIS A 165 13.83 -16.30 -7.50
N MET A 166 13.80 -15.00 -7.79
CA MET A 166 14.08 -14.51 -9.13
C MET A 166 15.54 -14.34 -9.58
N LEU A 167 16.46 -14.04 -8.65
CA LEU A 167 17.87 -13.88 -9.04
C LEU A 167 18.40 -15.05 -9.89
N GLY A 168 19.00 -14.70 -11.03
CA GLY A 168 19.55 -15.70 -11.94
C GLY A 168 18.51 -16.39 -12.79
N LYS A 169 17.24 -16.02 -12.58
CA LYS A 169 16.12 -16.60 -13.32
C LYS A 169 15.48 -15.51 -14.21
N ALA A 170 15.91 -14.26 -14.00
CA ALA A 170 15.43 -13.10 -14.76
C ALA A 170 16.27 -11.88 -14.37
N GLN A 171 16.23 -10.84 -15.20
CA GLN A 171 17.02 -9.65 -14.89
C GLN A 171 16.34 -8.94 -13.72
N ILE A 172 17.17 -8.40 -12.83
CA ILE A 172 16.69 -7.71 -11.65
C ILE A 172 17.21 -6.27 -11.58
N ILE A 173 16.29 -5.33 -11.52
CA ILE A 173 16.62 -3.90 -11.44
C ILE A 173 16.00 -3.31 -10.17
N GLY A 174 16.84 -2.69 -9.34
CA GLY A 174 16.35 -2.09 -8.12
C GLY A 174 16.31 -0.58 -8.15
N LEU A 175 15.17 0.00 -7.78
CA LEU A 175 15.02 1.44 -7.74
C LEU A 175 14.89 1.80 -6.26
N SER A 176 15.89 2.47 -5.69
CA SER A 176 15.80 2.80 -4.28
C SER A 176 16.22 4.19 -3.88
N ALA A 177 15.89 4.53 -2.63
CA ALA A 177 16.24 5.79 -2.02
C ALA A 177 17.67 5.62 -1.48
N THR A 178 18.35 6.72 -1.19
CA THR A 178 19.71 6.65 -0.67
C THR A 178 19.75 5.85 0.63
N ILE A 179 20.73 4.94 0.73
CA ILE A 179 20.89 4.10 1.90
C ILE A 179 22.33 4.03 2.38
N GLY A 180 22.56 3.33 3.48
CA GLY A 180 23.90 3.19 4.01
C GLY A 180 24.71 2.06 3.40
N ASN A 181 24.04 1.04 2.87
CA ASN A 181 24.72 -0.11 2.27
C ASN A 181 24.27 -0.49 0.84
N PRO A 182 24.49 0.39 -0.13
CA PRO A 182 24.11 0.16 -1.54
C PRO A 182 24.95 -0.95 -2.12
N GLU A 183 26.24 -0.90 -1.81
CA GLU A 183 27.22 -1.89 -2.27
C GLU A 183 26.80 -3.30 -1.86
N GLU A 184 26.33 -3.43 -0.62
CA GLU A 184 25.93 -4.72 -0.08
C GLU A 184 24.68 -5.27 -0.77
N LEU A 185 23.68 -4.41 -0.93
CA LEU A 185 22.45 -4.83 -1.57
C LEU A 185 22.74 -5.13 -3.04
N ALA A 186 23.60 -4.33 -3.64
CA ALA A 186 23.96 -4.53 -5.03
C ALA A 186 24.67 -5.86 -5.23
N GLU A 187 25.70 -6.13 -4.43
CA GLU A 187 26.44 -7.38 -4.56
C GLU A 187 25.56 -8.61 -4.38
N TRP A 188 24.57 -8.54 -3.49
CA TRP A 188 23.65 -9.66 -3.28
C TRP A 188 22.82 -9.90 -4.54
N LEU A 189 22.43 -8.81 -5.18
CA LEU A 189 21.65 -8.86 -6.41
C LEU A 189 22.59 -9.13 -7.58
N ASN A 190 23.90 -9.19 -7.29
CA ASN A 190 24.92 -9.38 -8.31
C ASN A 190 24.60 -8.30 -9.32
N ALA A 191 24.62 -7.06 -8.85
CA ALA A 191 24.26 -5.93 -9.68
C ALA A 191 25.22 -4.75 -9.74
N GLU A 192 25.08 -3.99 -10.82
CA GLU A 192 25.87 -2.77 -11.04
C GLU A 192 25.25 -1.79 -10.09
N LEU A 193 26.10 -0.98 -9.47
CA LEU A 193 25.64 0.00 -8.52
C LEU A 193 25.66 1.41 -9.08
N ILE A 194 24.51 2.08 -9.08
CA ILE A 194 24.45 3.47 -9.54
C ILE A 194 24.03 4.33 -8.36
N VAL A 195 24.98 5.08 -7.82
CA VAL A 195 24.71 5.95 -6.68
C VAL A 195 24.96 7.37 -7.14
N SER A 196 23.95 8.21 -6.98
CA SER A 196 24.08 9.60 -7.38
C SER A 196 23.35 10.47 -6.40
N ASP A 197 23.96 11.62 -6.16
CA ASP A 197 23.46 12.61 -5.24
C ASP A 197 22.80 13.72 -6.06
N TRP A 198 22.88 13.56 -7.39
CA TRP A 198 22.33 14.51 -8.36
C TRP A 198 20.81 14.59 -8.30
N ARG A 199 20.28 15.77 -8.63
CA ARG A 199 18.86 16.02 -8.62
C ARG A 199 18.55 17.25 -9.51
N PRO A 200 17.34 17.28 -10.12
CA PRO A 200 16.91 18.37 -10.99
C PRO A 200 17.00 19.77 -10.37
N VAL A 201 16.25 20.01 -9.30
CA VAL A 201 16.31 21.32 -8.67
C VAL A 201 17.24 21.26 -7.46
N LYS A 202 17.96 22.35 -7.22
CA LYS A 202 18.88 22.40 -6.09
C LYS A 202 18.07 22.24 -4.81
N LEU A 203 18.61 21.47 -3.87
CA LEU A 203 17.92 21.28 -2.62
C LEU A 203 18.66 21.97 -1.49
N ARG A 204 17.92 22.76 -0.74
CA ARG A 204 18.52 23.43 0.41
C ARG A 204 17.91 22.81 1.66
N ARG A 205 18.75 22.17 2.46
CA ARG A 205 18.31 21.52 3.68
C ARG A 205 18.62 22.34 4.92
N GLY A 206 17.60 22.52 5.77
CA GLY A 206 17.78 23.29 6.98
C GLY A 206 17.03 22.72 8.18
N VAL A 207 17.37 23.24 9.36
CA VAL A 207 16.73 22.82 10.60
C VAL A 207 16.21 24.06 11.29
N PHE A 208 14.89 24.09 11.52
CA PHE A 208 14.20 25.20 12.19
C PHE A 208 14.18 24.95 13.69
N TYR A 209 14.39 26.01 14.48
CA TYR A 209 14.38 25.89 15.94
C TYR A 209 14.27 27.20 16.69
N GLN A 210 13.46 27.16 17.75
CA GLN A 210 13.22 28.29 18.64
C GLN A 210 13.09 29.63 17.89
N GLY A 211 12.71 29.56 16.62
CA GLY A 211 12.53 30.78 15.84
C GLY A 211 13.57 31.07 14.78
N PHE A 212 14.38 30.07 14.43
CA PHE A 212 15.43 30.27 13.42
C PHE A 212 15.74 29.02 12.58
N VAL A 213 15.93 29.23 11.28
CA VAL A 213 16.27 28.15 10.37
C VAL A 213 17.74 28.20 10.00
N THR A 214 18.53 27.26 10.49
CA THR A 214 19.95 27.17 10.15
C THR A 214 20.05 26.19 8.98
N TRP A 215 20.70 26.61 7.89
CA TRP A 215 20.86 25.75 6.73
C TRP A 215 22.15 24.95 6.86
N GLU A 216 22.41 24.07 5.90
CA GLU A 216 23.63 23.27 5.97
C GLU A 216 24.91 24.04 5.68
N ASP A 217 24.76 25.28 5.21
CA ASP A 217 25.92 26.11 4.95
C ASP A 217 26.21 27.02 6.16
N GLY A 218 25.51 26.77 7.26
CA GLY A 218 25.71 27.56 8.46
C GLY A 218 24.92 28.85 8.57
N SER A 219 24.48 29.39 7.44
CA SER A 219 23.69 30.64 7.39
C SER A 219 22.33 30.53 8.07
N ILE A 220 21.71 31.66 8.36
CA ILE A 220 20.42 31.69 9.06
C ILE A 220 19.38 32.60 8.42
N ASP A 221 18.11 32.35 8.74
CA ASP A 221 16.97 33.13 8.27
C ASP A 221 15.93 33.15 9.39
N ARG A 222 15.43 34.34 9.68
CA ARG A 222 14.43 34.51 10.73
C ARG A 222 13.02 34.10 10.29
N PHE A 223 12.33 33.41 11.18
CA PHE A 223 10.96 32.95 10.99
C PHE A 223 10.36 32.83 12.38
N SER A 224 9.41 33.71 12.69
CA SER A 224 8.76 33.77 14.00
C SER A 224 8.42 32.42 14.64
N SER A 225 7.62 31.63 13.92
CA SER A 225 7.19 30.30 14.34
C SER A 225 7.43 29.42 13.12
N TRP A 226 7.46 28.10 13.28
CA TRP A 226 7.66 27.26 12.11
C TRP A 226 6.59 27.51 11.05
N GLU A 227 5.34 27.62 11.47
CA GLU A 227 4.26 27.85 10.50
C GLU A 227 4.43 29.12 9.68
N GLU A 228 5.35 29.98 10.12
CA GLU A 228 5.65 31.21 9.39
C GLU A 228 6.33 30.82 8.08
N LEU A 229 6.99 29.66 8.09
CA LEU A 229 7.66 29.14 6.90
C LEU A 229 6.63 28.93 5.79
N VAL A 230 5.45 28.42 6.16
CA VAL A 230 4.37 28.15 5.21
C VAL A 230 3.80 29.47 4.71
N TYR A 231 3.33 30.32 5.61
CA TYR A 231 2.75 31.61 5.25
C TYR A 231 3.72 32.38 4.34
N ASP A 232 5.02 32.15 4.57
CA ASP A 232 6.08 32.77 3.78
C ASP A 232 6.11 32.16 2.39
N ALA A 233 5.91 30.85 2.31
CA ALA A 233 5.90 30.13 1.03
C ALA A 233 4.75 30.63 0.17
N ILE A 234 3.57 30.75 0.76
CA ILE A 234 2.37 31.22 0.06
C ILE A 234 2.45 32.70 -0.36
N ARG A 235 3.00 33.55 0.51
CA ARG A 235 3.14 34.98 0.17
C ARG A 235 4.05 35.15 -1.03
N LYS A 236 4.83 34.11 -1.35
CA LYS A 236 5.73 34.12 -2.50
C LYS A 236 5.19 33.24 -3.62
N LYS A 237 3.91 32.89 -3.54
CA LYS A 237 3.25 32.05 -4.54
C LYS A 237 3.88 30.67 -4.72
N LYS A 238 4.36 30.09 -3.62
CA LYS A 238 5.00 28.77 -3.63
C LYS A 238 4.20 27.79 -2.78
N GLY A 239 4.47 26.50 -2.97
CA GLY A 239 3.75 25.49 -2.20
C GLY A 239 4.43 25.04 -0.91
N ALA A 240 3.64 24.47 -0.01
CA ALA A 240 4.18 24.00 1.25
C ALA A 240 3.63 22.64 1.62
N LEU A 241 4.53 21.66 1.75
CA LEU A 241 4.12 20.31 2.14
C LEU A 241 4.63 20.00 3.53
N ILE A 242 3.72 20.11 4.51
CA ILE A 242 4.06 19.87 5.90
C ILE A 242 3.86 18.42 6.38
N PHE A 243 4.94 17.74 6.73
CA PHE A 243 4.83 16.36 7.20
C PHE A 243 4.62 16.20 8.72
N VAL A 244 3.57 15.48 9.07
CA VAL A 244 3.18 15.23 10.45
C VAL A 244 3.05 13.73 10.74
N ASN A 245 3.12 13.34 12.02
CA ASN A 245 3.03 11.93 12.38
C ASN A 245 1.63 11.35 12.59
N MET A 246 0.71 12.15 13.12
CA MET A 246 -0.65 11.68 13.40
C MET A 246 -1.73 12.27 12.50
N ARG A 247 -2.80 11.49 12.30
CA ARG A 247 -3.94 11.90 11.48
C ARG A 247 -4.66 13.11 12.04
N ARG A 248 -4.94 13.09 13.34
CA ARG A 248 -5.62 14.21 13.98
C ARG A 248 -4.74 15.44 13.97
N LYS A 249 -3.44 15.22 14.09
CA LYS A 249 -2.51 16.33 14.06
C LYS A 249 -2.48 16.91 12.67
N ALA A 250 -2.51 16.05 11.65
CA ALA A 250 -2.51 16.51 10.28
C ALA A 250 -3.69 17.43 10.10
N GLU A 251 -4.85 16.98 10.56
CA GLU A 251 -6.08 17.76 10.46
C GLU A 251 -6.05 19.08 11.24
N ARG A 252 -5.64 19.04 12.51
CA ARG A 252 -5.58 20.26 13.33
C ARG A 252 -4.65 21.31 12.77
N VAL A 253 -3.42 20.89 12.49
CA VAL A 253 -2.40 21.75 11.92
C VAL A 253 -2.83 22.36 10.59
N ALA A 254 -3.67 21.65 9.84
CA ALA A 254 -4.13 22.14 8.55
C ALA A 254 -5.19 23.20 8.75
N LEU A 255 -6.12 22.93 9.65
CA LEU A 255 -7.21 23.86 9.93
C LEU A 255 -6.60 25.14 10.49
N GLU A 256 -5.64 24.98 11.39
CA GLU A 256 -4.97 26.11 12.01
C GLU A 256 -4.27 26.96 10.97
N LEU A 257 -3.49 26.34 10.10
CA LEU A 257 -2.79 27.09 9.06
C LEU A 257 -3.80 27.90 8.23
N SER A 258 -4.72 27.18 7.58
CA SER A 258 -5.76 27.74 6.71
C SER A 258 -6.41 29.01 7.24
N LYS A 259 -6.62 29.07 8.56
CA LYS A 259 -7.21 30.23 9.22
C LYS A 259 -6.42 31.48 8.81
N LYS A 260 -5.09 31.38 8.89
CA LYS A 260 -4.21 32.49 8.54
C LYS A 260 -3.81 32.55 7.04
N VAL A 261 -3.88 31.40 6.35
CA VAL A 261 -3.51 31.31 4.94
C VAL A 261 -4.50 31.97 3.96
N LYS A 262 -5.79 31.94 4.30
CA LYS A 262 -6.80 32.54 3.44
C LYS A 262 -6.50 34.00 3.11
N SER A 263 -6.18 34.77 4.14
CA SER A 263 -5.85 36.20 4.00
C SER A 263 -4.69 36.47 3.03
N LEU A 264 -3.95 35.42 2.70
CA LEU A 264 -2.81 35.58 1.80
C LEU A 264 -3.18 35.12 0.39
N LEU A 265 -4.46 34.83 0.22
CA LEU A 265 -5.00 34.37 -1.05
C LEU A 265 -5.70 35.51 -1.81
N THR A 266 -6.27 35.18 -2.96
CA THR A 266 -6.96 36.16 -3.78
C THR A 266 -8.45 35.82 -3.82
N LYS A 267 -9.23 36.76 -4.35
CA LYS A 267 -10.67 36.61 -4.50
C LYS A 267 -10.91 35.42 -5.45
N PRO A 268 -10.17 35.35 -6.59
CA PRO A 268 -10.37 34.22 -7.51
C PRO A 268 -10.01 32.89 -6.84
N GLU A 269 -8.84 32.86 -6.19
CA GLU A 269 -8.38 31.65 -5.50
C GLU A 269 -9.45 31.15 -4.52
N ILE A 270 -9.89 32.01 -3.61
CA ILE A 270 -10.91 31.62 -2.64
C ILE A 270 -12.11 30.93 -3.30
N ARG A 271 -12.51 31.47 -4.45
CA ARG A 271 -13.64 30.94 -5.20
C ARG A 271 -13.36 29.51 -5.68
N ALA A 272 -12.13 29.27 -6.17
CA ALA A 272 -11.72 27.94 -6.67
C ALA A 272 -11.75 26.90 -5.56
N LEU A 273 -11.29 27.30 -4.38
CA LEU A 273 -11.26 26.42 -3.23
C LEU A 273 -12.70 26.17 -2.78
N ASN A 274 -13.54 27.20 -2.84
CA ASN A 274 -14.95 27.07 -2.46
C ASN A 274 -15.67 26.03 -3.29
N GLU A 275 -15.56 26.17 -4.60
CA GLU A 275 -16.20 25.22 -5.51
C GLU A 275 -15.63 23.83 -5.26
N LEU A 276 -14.35 23.79 -4.87
CA LEU A 276 -13.64 22.54 -4.58
C LEU A 276 -14.22 21.88 -3.33
N ALA A 277 -14.24 22.63 -2.23
CA ALA A 277 -14.80 22.12 -0.97
C ALA A 277 -16.29 21.79 -1.16
N ASP A 278 -16.90 22.44 -2.16
CA ASP A 278 -18.30 22.22 -2.49
C ASP A 278 -18.49 20.97 -3.37
N SER A 279 -17.40 20.20 -3.57
CA SER A 279 -17.48 18.98 -4.37
C SER A 279 -17.03 17.76 -3.53
N LEU A 280 -17.69 17.54 -2.42
CA LEU A 280 -17.34 16.45 -1.51
C LEU A 280 -18.55 15.93 -0.75
N GLU A 281 -18.79 14.61 -0.83
CA GLU A 281 -19.92 13.99 -0.13
C GLU A 281 -19.78 14.04 1.41
N GLU A 282 -20.66 14.87 2.01
CA GLU A 282 -20.76 15.10 3.46
C GLU A 282 -20.22 13.98 4.37
N ASN A 283 -19.46 14.35 5.40
CA ASN A 283 -18.87 13.37 6.34
C ASN A 283 -18.06 14.00 7.51
N PRO A 284 -17.85 13.25 8.62
CA PRO A 284 -17.08 13.76 9.78
C PRO A 284 -15.63 14.04 9.40
N THR A 285 -15.17 13.32 8.37
CA THR A 285 -13.82 13.48 7.83
C THR A 285 -13.83 14.54 6.74
N ASN A 286 -14.94 14.63 5.97
CA ASN A 286 -15.05 15.62 4.88
C ASN A 286 -15.41 17.03 5.36
N GLU A 287 -15.95 17.11 6.58
CA GLU A 287 -16.31 18.41 7.15
C GLU A 287 -15.00 19.15 7.39
N LYS A 288 -14.09 18.47 8.09
CA LYS A 288 -12.76 18.99 8.44
C LYS A 288 -11.93 19.39 7.21
N LEU A 289 -11.94 18.53 6.19
CA LEU A 289 -11.21 18.77 4.95
C LEU A 289 -11.71 20.01 4.23
N ALA A 290 -13.03 20.14 4.10
CA ALA A 290 -13.63 21.28 3.43
C ALA A 290 -13.32 22.62 4.11
N LYS A 291 -13.70 22.72 5.40
CA LYS A 291 -13.49 23.91 6.21
C LYS A 291 -12.03 24.34 6.11
N ALA A 292 -11.13 23.37 6.10
CA ALA A 292 -9.70 23.63 5.99
C ALA A 292 -9.33 24.11 4.60
N ILE A 293 -9.84 23.43 3.57
CA ILE A 293 -9.56 23.76 2.18
C ILE A 293 -10.01 25.16 1.81
N ARG A 294 -11.14 25.60 2.36
CA ARG A 294 -11.63 26.95 2.07
C ARG A 294 -10.61 28.03 2.46
N GLY A 295 -9.48 27.58 3.03
CA GLY A 295 -8.42 28.48 3.43
C GLY A 295 -7.12 28.10 2.74
N GLY A 296 -7.23 27.35 1.64
CA GLY A 296 -6.06 26.94 0.89
C GLY A 296 -5.18 25.87 1.51
N VAL A 297 -5.58 25.33 2.65
CA VAL A 297 -4.78 24.27 3.24
C VAL A 297 -5.59 22.99 3.38
N ALA A 298 -5.01 21.89 2.96
CA ALA A 298 -5.68 20.61 3.03
C ALA A 298 -4.82 19.60 3.75
N PHE A 299 -5.46 18.63 4.39
CA PHE A 299 -4.72 17.58 5.06
C PHE A 299 -4.82 16.30 4.23
N HIS A 300 -3.89 15.38 4.44
CA HIS A 300 -3.87 14.15 3.67
C HIS A 300 -3.39 12.97 4.51
N HIS A 301 -4.23 11.94 4.60
CA HIS A 301 -3.89 10.73 5.36
C HIS A 301 -4.72 9.54 4.96
N ALA A 302 -4.34 8.36 5.46
CA ALA A 302 -5.01 7.11 5.13
C ALA A 302 -6.48 6.99 5.55
N GLY A 303 -6.95 7.93 6.36
CA GLY A 303 -8.32 7.93 6.83
C GLY A 303 -9.30 8.51 5.83
N LEU A 304 -8.78 9.14 4.78
CA LEU A 304 -9.62 9.72 3.74
C LEU A 304 -9.78 8.67 2.66
N GLY A 305 -10.90 8.73 1.93
CA GLY A 305 -11.15 7.79 0.85
C GLY A 305 -10.31 8.13 -0.37
N ARG A 306 -10.17 7.17 -1.29
CA ARG A 306 -9.38 7.39 -2.50
C ARG A 306 -9.77 8.66 -3.27
N ASP A 307 -11.07 8.92 -3.39
CA ASP A 307 -11.54 10.11 -4.08
C ASP A 307 -10.98 11.38 -3.44
N GLU A 308 -11.20 11.51 -2.13
CA GLU A 308 -10.75 12.66 -1.37
C GLU A 308 -9.24 12.90 -1.36
N ARG A 309 -8.45 11.82 -1.28
CA ARG A 309 -7.00 11.93 -1.27
C ARG A 309 -6.50 12.30 -2.64
N VAL A 310 -7.11 11.71 -3.66
CA VAL A 310 -6.77 11.97 -5.06
C VAL A 310 -7.07 13.44 -5.37
N LEU A 311 -8.17 13.94 -4.80
CA LEU A 311 -8.60 15.30 -5.00
C LEU A 311 -7.66 16.32 -4.36
N VAL A 312 -7.01 15.94 -3.25
CA VAL A 312 -6.07 16.82 -2.56
C VAL A 312 -4.73 16.83 -3.29
N GLU A 313 -4.25 15.64 -3.66
CA GLU A 313 -3.00 15.49 -4.38
C GLU A 313 -3.04 16.29 -5.65
N GLU A 314 -4.11 16.09 -6.43
CA GLU A 314 -4.29 16.77 -7.71
C GLU A 314 -4.42 18.28 -7.62
N ASN A 315 -5.33 18.77 -6.79
CA ASN A 315 -5.50 20.21 -6.69
C ASN A 315 -4.39 20.91 -5.94
N PHE A 316 -3.40 20.13 -5.51
CA PHE A 316 -2.24 20.66 -4.85
C PHE A 316 -1.21 20.79 -5.97
N ARG A 317 -1.05 19.72 -6.73
CA ARG A 317 -0.14 19.70 -7.86
C ARG A 317 -0.52 20.83 -8.80
N LYS A 318 -1.81 21.17 -8.81
CA LYS A 318 -2.35 22.24 -9.65
C LYS A 318 -2.30 23.63 -9.01
N GLY A 319 -1.66 23.74 -7.85
CA GLY A 319 -1.52 25.01 -7.16
C GLY A 319 -2.78 25.66 -6.59
N ILE A 320 -3.91 24.98 -6.70
CA ILE A 320 -5.17 25.51 -6.18
C ILE A 320 -5.07 25.44 -4.65
N ILE A 321 -4.67 24.26 -4.17
CA ILE A 321 -4.48 24.04 -2.75
C ILE A 321 -3.08 24.58 -2.52
N LYS A 322 -2.95 25.46 -1.54
CA LYS A 322 -1.66 26.07 -1.28
C LYS A 322 -0.73 25.26 -0.38
N ALA A 323 -1.29 24.49 0.53
CA ALA A 323 -0.48 23.67 1.41
C ALA A 323 -1.16 22.35 1.73
N VAL A 324 -0.35 21.36 2.09
CA VAL A 324 -0.84 20.04 2.44
C VAL A 324 -0.08 19.49 3.65
N VAL A 325 -0.83 19.18 4.70
CA VAL A 325 -0.29 18.62 5.93
C VAL A 325 -0.61 17.14 5.81
N ALA A 326 0.39 16.29 5.66
CA ALA A 326 0.12 14.86 5.48
C ALA A 326 0.93 13.94 6.34
N THR A 327 0.37 12.77 6.63
CA THR A 327 1.07 11.74 7.40
C THR A 327 1.87 10.97 6.36
N PRO A 328 3.08 10.52 6.71
CA PRO A 328 3.89 9.78 5.73
C PRO A 328 3.50 8.33 5.41
N THR A 329 2.26 7.94 5.68
CA THR A 329 1.80 6.55 5.44
C THR A 329 1.54 6.27 3.96
N LEU A 330 0.39 6.75 3.47
CA LEU A 330 0.01 6.61 2.05
C LEU A 330 0.58 7.82 1.30
N SER A 331 1.51 8.52 1.98
CA SER A 331 2.20 9.70 1.48
C SER A 331 2.49 9.69 0.00
N ALA A 332 3.24 8.67 -0.43
CA ALA A 332 3.67 8.43 -1.82
C ALA A 332 2.65 8.84 -2.88
N GLY A 333 1.36 8.71 -2.55
CA GLY A 333 0.29 9.11 -3.44
C GLY A 333 0.50 10.54 -3.90
N ILE A 334 1.07 11.36 -3.02
CA ILE A 334 1.36 12.76 -3.32
C ILE A 334 2.65 12.87 -4.18
N ASN A 335 2.55 12.40 -5.42
CA ASN A 335 3.67 12.45 -6.37
C ASN A 335 3.88 13.92 -6.71
N THR A 336 3.33 14.77 -5.83
CA THR A 336 3.34 16.22 -5.91
C THR A 336 4.45 16.88 -5.10
N PRO A 337 5.49 17.41 -5.77
CA PRO A 337 6.59 18.09 -5.06
C PRO A 337 6.10 19.41 -4.48
N ALA A 338 6.99 20.15 -3.83
CA ALA A 338 6.62 21.44 -3.26
C ALA A 338 7.86 22.24 -2.94
N PHE A 339 7.76 23.55 -3.17
CA PHE A 339 8.87 24.47 -2.95
C PHE A 339 9.50 24.20 -1.60
N ARG A 340 8.67 24.20 -0.57
CA ARG A 340 9.12 23.97 0.79
C ARG A 340 8.51 22.72 1.40
N VAL A 341 9.36 21.85 1.92
CA VAL A 341 8.88 20.64 2.57
C VAL A 341 9.32 20.79 4.02
N ILE A 342 8.34 20.90 4.89
CA ILE A 342 8.56 21.05 6.32
C ILE A 342 8.27 19.77 7.09
N ILE A 343 9.28 19.18 7.70
CA ILE A 343 9.09 17.97 8.52
C ILE A 343 8.83 18.43 9.96
N ARG A 344 7.55 18.60 10.29
CA ARG A 344 7.10 19.07 11.60
C ARG A 344 7.45 18.17 12.78
N ASP A 345 7.37 16.87 12.58
CA ASP A 345 7.68 15.90 13.63
C ASP A 345 8.84 15.02 13.22
N ILE A 346 9.70 14.68 14.17
CA ILE A 346 10.80 13.78 13.88
C ILE A 346 10.80 12.60 14.84
N TRP A 347 9.80 12.57 15.71
CA TRP A 347 9.65 11.51 16.69
C TRP A 347 8.29 10.85 16.48
N ARG A 348 8.29 9.61 16.00
CA ARG A 348 7.03 8.93 15.77
C ARG A 348 6.70 7.83 16.79
N TYR A 349 5.41 7.49 16.87
CA TYR A 349 4.95 6.45 17.79
C TYR A 349 5.46 5.09 17.31
N SER A 350 6.44 4.54 18.03
CA SER A 350 6.98 3.23 17.69
C SER A 350 6.04 2.16 18.23
N ASP A 351 6.26 0.91 17.83
CA ASP A 351 5.45 -0.20 18.30
C ASP A 351 6.14 -0.76 19.57
N PHE A 352 6.59 0.14 20.45
CA PHE A 352 7.29 -0.23 21.69
C PHE A 352 7.41 0.98 22.62
N GLY A 353 7.60 2.15 22.01
CA GLY A 353 7.74 3.39 22.77
C GLY A 353 8.01 4.54 21.81
N MET A 354 9.07 5.31 22.04
CA MET A 354 9.41 6.44 21.16
C MET A 354 10.67 6.23 20.32
N GLU A 355 10.59 6.65 19.06
CA GLU A 355 11.72 6.53 18.13
C GLU A 355 11.76 7.69 17.13
N ARG A 356 12.98 8.08 16.74
CA ARG A 356 13.19 9.15 15.77
C ARG A 356 12.84 8.61 14.40
N ILE A 357 12.45 9.49 13.48
CA ILE A 357 12.12 9.01 12.15
C ILE A 357 13.44 8.60 11.52
N PRO A 358 13.48 7.39 10.92
CA PRO A 358 14.72 6.91 10.30
C PRO A 358 15.24 7.95 9.33
N ILE A 359 16.57 8.04 9.21
CA ILE A 359 17.21 8.99 8.32
C ILE A 359 16.74 8.83 6.89
N ILE A 360 16.70 7.59 6.41
CA ILE A 360 16.27 7.28 5.05
C ILE A 360 14.94 7.99 4.73
N GLU A 361 13.99 7.89 5.65
CA GLU A 361 12.69 8.50 5.48
C GLU A 361 12.70 10.02 5.49
N VAL A 362 13.57 10.60 6.30
CA VAL A 362 13.69 12.05 6.40
C VAL A 362 14.22 12.57 5.09
N HIS A 363 15.15 11.84 4.50
CA HIS A 363 15.72 12.21 3.21
C HIS A 363 14.67 12.08 2.12
N GLN A 364 13.84 11.06 2.17
CA GLN A 364 12.79 10.88 1.17
C GLN A 364 11.78 12.01 1.24
N MET A 365 11.47 12.47 2.46
CA MET A 365 10.54 13.56 2.65
C MET A 365 11.12 14.89 2.16
N LEU A 366 12.40 15.13 2.49
CA LEU A 366 13.09 16.35 2.10
C LEU A 366 13.35 16.37 0.62
N GLY A 367 13.74 15.22 0.08
CA GLY A 367 14.04 15.09 -1.34
C GLY A 367 12.83 15.34 -2.21
N ARG A 368 11.68 15.45 -1.55
CA ARG A 368 10.41 15.71 -2.18
C ARG A 368 10.16 17.23 -2.25
N ALA A 369 11.20 18.01 -1.97
CA ALA A 369 11.12 19.48 -2.02
C ALA A 369 11.77 20.06 -3.26
N GLY A 370 11.07 21.02 -3.87
CA GLY A 370 11.58 21.67 -5.06
C GLY A 370 10.99 21.17 -6.37
N ARG A 371 10.00 21.90 -6.88
CA ARG A 371 9.34 21.56 -8.15
C ARG A 371 10.17 22.13 -9.30
N PRO A 372 10.53 21.28 -10.28
CA PRO A 372 11.33 21.63 -11.48
C PRO A 372 10.89 22.90 -12.25
N LYS A 373 9.64 22.90 -12.71
CA LYS A 373 9.10 24.01 -13.48
C LYS A 373 9.12 25.37 -12.75
N TYR A 374 8.76 25.35 -11.47
CA TYR A 374 8.67 26.59 -10.69
C TYR A 374 9.84 27.03 -9.83
N ASP A 375 10.60 26.10 -9.29
CA ASP A 375 11.71 26.44 -8.41
C ASP A 375 13.10 26.20 -8.94
N GLU A 376 14.01 27.07 -8.53
CA GLU A 376 15.40 26.98 -8.90
C GLU A 376 16.11 26.33 -7.72
N VAL A 377 15.40 26.33 -6.58
CA VAL A 377 15.89 25.75 -5.34
C VAL A 377 14.71 25.35 -4.46
N GLY A 378 14.73 24.11 -3.97
CA GLY A 378 13.67 23.65 -3.10
C GLY A 378 14.24 23.72 -1.70
N GLU A 379 13.40 23.99 -0.71
CA GLU A 379 13.88 24.06 0.66
C GLU A 379 13.21 23.04 1.57
N GLY A 380 14.02 22.17 2.16
CA GLY A 380 13.50 21.17 3.07
C GLY A 380 13.88 21.53 4.50
N ILE A 381 12.87 21.84 5.30
CA ILE A 381 13.11 22.21 6.69
C ILE A 381 12.63 21.18 7.72
N ILE A 382 13.56 20.72 8.55
CA ILE A 382 13.25 19.79 9.64
C ILE A 382 13.04 20.66 10.88
N VAL A 383 11.90 20.48 11.55
CA VAL A 383 11.61 21.25 12.76
C VAL A 383 12.09 20.49 13.97
N SER A 384 12.76 21.19 14.87
CA SER A 384 13.28 20.61 16.11
C SER A 384 12.64 21.39 17.25
N THR A 385 12.09 20.68 18.22
CA THR A 385 11.47 21.37 19.35
C THR A 385 12.11 20.89 20.62
N SER A 386 12.38 19.58 20.69
CA SER A 386 12.98 18.99 21.86
C SER A 386 14.48 18.79 21.65
N ASP A 387 14.82 18.23 20.49
CA ASP A 387 16.19 17.93 20.12
C ASP A 387 17.06 19.19 19.93
N ASP A 388 18.38 18.99 19.92
CA ASP A 388 19.31 20.10 19.72
C ASP A 388 19.43 20.32 18.21
N PRO A 389 19.21 21.56 17.74
CA PRO A 389 19.27 22.00 16.35
C PRO A 389 20.56 21.58 15.67
N ARG A 390 21.65 21.65 16.43
CA ARG A 390 22.95 21.28 15.91
C ARG A 390 22.99 19.76 15.74
N GLU A 391 22.42 19.06 16.71
CA GLU A 391 22.37 17.60 16.69
C GLU A 391 21.49 17.11 15.54
N VAL A 392 20.30 17.69 15.41
CA VAL A 392 19.37 17.33 14.35
C VAL A 392 20.04 17.43 12.98
N MET A 393 20.84 18.48 12.81
CA MET A 393 21.56 18.76 11.58
C MET A 393 22.59 17.66 11.33
N ASN A 394 23.27 17.24 12.40
CA ASN A 394 24.29 16.21 12.34
C ASN A 394 23.74 14.84 12.01
N HIS A 395 22.61 14.51 12.61
CA HIS A 395 22.00 13.21 12.39
C HIS A 395 21.47 13.00 10.97
N TYR A 396 20.64 13.94 10.54
CA TYR A 396 19.99 13.89 9.24
C TYR A 396 20.72 14.46 8.05
N ILE A 397 21.12 15.73 8.15
CA ILE A 397 21.80 16.39 7.05
C ILE A 397 23.22 15.91 6.77
N PHE A 398 24.07 15.97 7.78
CA PHE A 398 25.48 15.56 7.64
C PHE A 398 25.75 14.09 7.79
N GLY A 399 24.84 13.38 8.45
CA GLY A 399 25.01 11.95 8.65
C GLY A 399 24.43 11.12 7.52
N LYS A 400 25.05 9.97 7.26
CA LYS A 400 24.60 9.05 6.21
C LYS A 400 23.32 8.33 6.59
N PRO A 401 22.58 7.78 5.61
CA PRO A 401 21.33 7.08 5.91
C PRO A 401 21.62 5.72 6.54
N GLU A 402 20.69 5.23 7.36
CA GLU A 402 20.86 3.95 8.01
C GLU A 402 21.06 2.83 7.01
N LYS A 403 21.64 1.74 7.47
CA LYS A 403 21.86 0.58 6.62
C LYS A 403 20.64 -0.32 6.66
N LEU A 404 20.40 -1.00 5.55
CA LEU A 404 19.29 -1.93 5.38
C LEU A 404 19.66 -3.31 5.91
N PHE A 405 18.76 -3.89 6.69
CA PHE A 405 18.98 -5.23 7.25
C PHE A 405 17.83 -6.10 6.83
N SER A 406 18.13 -7.34 6.48
CA SER A 406 17.07 -8.24 6.09
C SER A 406 16.13 -8.45 7.28
N GLN A 407 14.85 -8.54 6.98
CA GLN A 407 13.81 -8.73 7.97
C GLN A 407 13.21 -10.10 7.81
N LEU A 408 14.00 -11.03 7.29
CA LEU A 408 13.55 -12.40 7.06
C LEU A 408 13.17 -13.09 8.36
N SER A 409 13.76 -12.60 9.44
CA SER A 409 13.54 -13.10 10.80
C SER A 409 12.13 -12.84 11.32
N ASN A 410 11.26 -12.36 10.44
CA ASN A 410 9.88 -12.10 10.80
C ASN A 410 9.14 -13.44 10.83
N GLU A 411 8.87 -13.93 12.04
CA GLU A 411 8.15 -15.18 12.27
C GLU A 411 6.93 -15.26 11.36
N SER A 412 6.19 -14.15 11.28
CA SER A 412 4.99 -14.08 10.45
C SER A 412 5.21 -14.44 8.99
N ASN A 413 6.03 -13.67 8.30
CA ASN A 413 6.29 -13.89 6.88
C ASN A 413 7.10 -15.17 6.68
N LEU A 414 7.90 -15.49 7.68
CA LEU A 414 8.75 -16.68 7.66
C LEU A 414 7.95 -17.97 7.85
N ARG A 415 6.88 -17.91 8.64
CA ARG A 415 6.05 -19.08 8.82
C ARG A 415 5.38 -19.30 7.49
N SER A 416 4.87 -18.21 6.93
CA SER A 416 4.19 -18.23 5.65
C SER A 416 5.08 -18.68 4.52
N GLN A 417 6.35 -18.30 4.60
CA GLN A 417 7.31 -18.62 3.56
C GLN A 417 7.95 -20.01 3.66
N VAL A 418 8.06 -20.54 4.88
CA VAL A 418 8.62 -21.86 5.08
C VAL A 418 7.61 -22.89 4.56
N LEU A 419 6.32 -22.64 4.81
CA LEU A 419 5.26 -23.53 4.35
C LEU A 419 5.15 -23.46 2.82
N ALA A 420 5.30 -22.26 2.27
CA ALA A 420 5.22 -22.06 0.83
C ALA A 420 6.32 -22.87 0.13
N LEU A 421 7.56 -22.77 0.62
CA LEU A 421 8.67 -23.52 0.04
C LEU A 421 8.35 -25.03 -0.05
N ILE A 422 7.57 -25.54 0.91
CA ILE A 422 7.20 -26.96 0.94
C ILE A 422 5.90 -27.21 0.18
N ALA A 423 4.90 -26.41 0.46
CA ALA A 423 3.60 -26.56 -0.15
C ALA A 423 3.47 -26.14 -1.60
N THR A 424 4.34 -25.25 -2.08
CA THR A 424 4.25 -24.79 -3.46
C THR A 424 5.53 -24.76 -4.31
N PHE A 425 6.70 -24.90 -3.70
CA PHE A 425 7.95 -24.89 -4.46
C PHE A 425 8.70 -26.21 -4.33
N GLY A 426 8.01 -27.21 -3.76
CA GLY A 426 8.56 -28.55 -3.60
C GLY A 426 9.78 -28.85 -2.74
N TYR A 427 9.89 -28.23 -1.56
CA TYR A 427 11.02 -28.51 -0.66
C TYR A 427 10.56 -29.61 0.29
N SER A 428 11.42 -30.61 0.49
CA SER A 428 11.08 -31.75 1.36
C SER A 428 12.12 -32.15 2.43
N THR A 429 13.26 -31.49 2.44
CA THR A 429 14.30 -31.76 3.43
C THR A 429 14.68 -30.43 4.07
N VAL A 430 15.04 -30.46 5.35
CA VAL A 430 15.44 -29.24 6.02
C VAL A 430 16.72 -28.71 5.38
N GLU A 431 17.54 -29.63 4.88
CA GLU A 431 18.82 -29.30 4.24
C GLU A 431 18.58 -28.43 2.99
N GLU A 432 17.41 -28.57 2.39
CA GLU A 432 17.05 -27.83 1.21
C GLU A 432 16.54 -26.43 1.52
N ILE A 433 15.76 -26.32 2.59
CA ILE A 433 15.22 -25.04 3.04
C ILE A 433 16.33 -24.09 3.45
N LEU A 434 17.48 -24.63 3.85
CA LEU A 434 18.62 -23.81 4.26
C LEU A 434 19.47 -23.44 3.08
N LYS A 435 19.28 -24.15 1.97
CA LYS A 435 20.00 -23.88 0.73
C LYS A 435 19.39 -22.60 0.16
N PHE A 436 18.08 -22.51 0.24
CA PHE A 436 17.36 -21.33 -0.25
C PHE A 436 17.84 -20.17 0.60
N ILE A 437 17.67 -20.33 1.90
CA ILE A 437 18.06 -19.34 2.88
C ILE A 437 19.52 -18.90 2.76
N SER A 438 20.40 -19.80 2.35
CA SER A 438 21.80 -19.44 2.21
C SER A 438 22.01 -18.46 1.06
N ASN A 439 21.02 -18.38 0.18
CA ASN A 439 21.07 -17.48 -0.96
C ASN A 439 20.18 -16.25 -0.77
N THR A 440 19.72 -16.02 0.45
CA THR A 440 18.89 -14.86 0.74
C THR A 440 19.78 -13.69 1.17
N PHE A 441 19.17 -12.52 1.30
CA PHE A 441 19.92 -11.32 1.70
C PHE A 441 20.33 -11.45 3.16
N TYR A 442 19.49 -12.13 3.94
CA TYR A 442 19.78 -12.36 5.34
C TYR A 442 21.15 -13.05 5.47
N ALA A 443 21.29 -14.18 4.78
CA ALA A 443 22.54 -14.94 4.79
C ALA A 443 23.72 -14.22 4.13
N TYR A 444 23.43 -13.24 3.29
CA TYR A 444 24.48 -12.51 2.63
C TYR A 444 25.20 -11.60 3.63
N GLN A 445 24.40 -10.84 4.36
CA GLN A 445 24.90 -9.91 5.36
C GLN A 445 25.54 -10.64 6.51
N ARG A 446 24.96 -11.78 6.90
CA ARG A 446 25.48 -12.54 8.05
C ARG A 446 26.70 -13.39 7.80
N LYS A 447 27.41 -13.67 8.88
CA LYS A 447 28.58 -14.55 8.83
C LYS A 447 27.96 -15.95 9.05
N ASP A 448 26.87 -16.00 9.82
CA ASP A 448 26.16 -17.23 10.07
C ASP A 448 24.65 -16.99 10.18
N THR A 449 23.87 -18.02 9.93
CA THR A 449 22.40 -17.92 10.03
C THR A 449 21.88 -19.00 10.97
N TYR A 450 22.67 -19.33 11.99
CA TYR A 450 22.30 -20.39 12.92
C TYR A 450 21.02 -20.12 13.67
N SER A 451 20.81 -18.87 14.07
CA SER A 451 19.61 -18.50 14.80
C SER A 451 18.39 -18.65 13.91
N LEU A 452 18.54 -18.30 12.63
CA LEU A 452 17.46 -18.42 11.65
C LEU A 452 17.08 -19.88 11.44
N GLU A 453 18.08 -20.76 11.36
CA GLU A 453 17.82 -22.17 11.18
C GLU A 453 16.97 -22.69 12.34
N GLU A 454 17.22 -22.18 13.54
CA GLU A 454 16.45 -22.62 14.72
C GLU A 454 15.00 -22.21 14.60
N LYS A 455 14.77 -20.94 14.24
CA LYS A 455 13.42 -20.42 14.04
C LYS A 455 12.71 -21.36 13.07
N ILE A 456 13.35 -21.59 11.91
CA ILE A 456 12.84 -22.44 10.85
C ILE A 456 12.44 -23.84 11.33
N ARG A 457 13.27 -24.44 12.18
CA ARG A 457 12.98 -25.75 12.71
C ARG A 457 11.77 -25.73 13.61
N ASN A 458 11.65 -24.67 14.42
CA ASN A 458 10.49 -24.57 15.30
C ASN A 458 9.23 -24.31 14.47
N ILE A 459 9.40 -23.60 13.35
CA ILE A 459 8.32 -23.29 12.43
C ILE A 459 7.81 -24.62 11.88
N LEU A 460 8.75 -25.51 11.56
CA LEU A 460 8.42 -26.83 11.06
C LEU A 460 7.58 -27.62 12.07
N TYR A 461 7.93 -27.51 13.34
CA TYR A 461 7.17 -28.20 14.39
C TYR A 461 5.74 -27.68 14.50
N PHE A 462 5.58 -26.38 14.26
CA PHE A 462 4.27 -25.71 14.30
C PHE A 462 3.39 -26.16 13.12
N LEU A 463 4.02 -26.28 11.95
CA LEU A 463 3.34 -26.71 10.74
C LEU A 463 3.04 -28.20 10.83
N LEU A 464 4.00 -28.93 11.41
CA LEU A 464 3.89 -30.38 11.57
C LEU A 464 2.79 -30.72 12.55
N GLU A 465 2.80 -30.06 13.70
CA GLU A 465 1.81 -30.32 14.73
C GLU A 465 0.41 -29.80 14.35
N ASN A 466 0.38 -28.73 13.57
CA ASN A 466 -0.90 -28.15 13.13
C ASN A 466 -1.44 -28.74 11.83
N GLU A 467 -0.91 -29.91 11.47
CA GLU A 467 -1.30 -30.66 10.28
C GLU A 467 -1.10 -29.97 8.93
N PHE A 468 -0.35 -28.87 8.92
CA PHE A 468 -0.08 -28.18 7.67
C PHE A 468 0.82 -29.07 6.82
N ILE A 469 1.69 -29.84 7.46
CA ILE A 469 2.59 -30.74 6.76
C ILE A 469 2.71 -32.10 7.43
N GLU A 470 3.54 -32.98 6.86
CA GLU A 470 3.80 -34.32 7.40
C GLU A 470 5.17 -34.81 6.99
N ILE A 471 5.73 -35.74 7.76
CA ILE A 471 7.04 -36.32 7.43
C ILE A 471 6.74 -37.69 6.81
N SER A 472 6.70 -37.77 5.48
CA SER A 472 6.38 -39.01 4.75
C SER A 472 7.09 -40.29 5.18
N LEU A 473 6.75 -41.41 4.53
CA LEU A 473 7.32 -42.72 4.81
C LEU A 473 8.70 -42.89 4.19
N GLU A 474 9.40 -41.78 3.94
CA GLU A 474 10.74 -41.79 3.37
C GLU A 474 11.66 -40.80 4.10
N ASP A 475 11.18 -40.29 5.23
CA ASP A 475 11.92 -39.30 6.02
C ASP A 475 12.05 -38.02 5.19
N LYS A 476 10.90 -37.55 4.69
CA LYS A 476 10.83 -36.32 3.91
C LYS A 476 9.56 -35.52 4.23
N ILE A 477 9.69 -34.20 4.13
CA ILE A 477 8.59 -33.27 4.37
C ILE A 477 7.73 -33.11 3.11
N ARG A 478 6.43 -33.35 3.23
CA ARG A 478 5.49 -33.23 2.12
C ARG A 478 4.22 -32.55 2.64
N PRO A 479 3.74 -31.53 1.93
CA PRO A 479 2.54 -30.77 2.33
C PRO A 479 1.26 -31.60 2.33
N LEU A 480 0.25 -31.13 3.05
CA LEU A 480 -1.05 -31.79 3.11
C LEU A 480 -2.07 -30.84 2.52
N SER A 481 -3.27 -31.37 2.25
CA SER A 481 -4.38 -30.58 1.69
C SER A 481 -4.44 -29.18 2.32
N LEU A 482 -4.41 -29.15 3.66
CA LEU A 482 -4.44 -27.93 4.45
C LEU A 482 -3.25 -27.01 4.17
N GLY A 483 -2.10 -27.60 3.87
CA GLY A 483 -0.90 -26.84 3.61
C GLY A 483 -0.82 -26.14 2.28
N ILE A 484 -1.06 -26.88 1.20
CA ILE A 484 -1.02 -26.30 -0.15
C ILE A 484 -2.06 -25.18 -0.16
N ARG A 485 -3.28 -25.56 0.20
CA ARG A 485 -4.41 -24.66 0.27
C ARG A 485 -4.07 -23.35 0.98
N THR A 486 -3.40 -23.48 2.13
CA THR A 486 -3.02 -22.32 2.92
C THR A 486 -1.99 -21.48 2.24
N ALA A 487 -0.90 -22.07 1.76
CA ALA A 487 0.11 -21.27 1.06
C ALA A 487 -0.48 -20.56 -0.15
N LYS A 488 -1.36 -21.24 -0.88
CA LYS A 488 -2.02 -20.67 -2.05
C LYS A 488 -2.98 -19.51 -1.73
N LEU A 489 -3.66 -19.59 -0.60
CA LEU A 489 -4.57 -18.52 -0.20
C LEU A 489 -3.79 -17.29 0.22
N TYR A 490 -2.49 -17.49 0.42
CA TYR A 490 -1.54 -16.47 0.85
C TYR A 490 -1.81 -15.95 2.28
N ILE A 491 -2.75 -16.58 2.98
CA ILE A 491 -3.02 -16.19 4.35
C ILE A 491 -1.87 -16.74 5.18
N ASP A 492 -1.66 -16.13 6.35
CA ASP A 492 -0.61 -16.53 7.27
C ASP A 492 -0.99 -17.90 7.82
N PRO A 493 -0.04 -18.86 7.85
CA PRO A 493 -0.28 -20.21 8.37
C PRO A 493 -0.94 -20.15 9.74
N TYR A 494 -0.64 -19.09 10.49
CA TYR A 494 -1.20 -18.89 11.81
C TYR A 494 -2.69 -18.54 11.77
N THR A 495 -3.12 -17.76 10.78
CA THR A 495 -4.54 -17.40 10.67
C THR A 495 -5.35 -18.60 10.18
N ALA A 496 -4.70 -19.50 9.46
CA ALA A 496 -5.32 -20.72 8.95
C ALA A 496 -5.53 -21.62 10.15
N LYS A 497 -4.53 -21.62 11.03
CA LYS A 497 -4.54 -22.36 12.29
C LYS A 497 -5.75 -21.89 13.07
N MET A 498 -5.90 -20.58 13.23
CA MET A 498 -7.04 -20.00 13.93
C MET A 498 -8.37 -20.49 13.34
N PHE A 499 -8.40 -20.65 12.02
CA PHE A 499 -9.59 -21.10 11.32
C PHE A 499 -9.93 -22.56 11.62
N LYS A 500 -8.89 -23.41 11.62
CA LYS A 500 -9.03 -24.83 11.90
C LYS A 500 -9.46 -25.10 13.36
N ASP A 501 -8.84 -24.40 14.30
CA ASP A 501 -9.18 -24.56 15.71
C ASP A 501 -10.64 -24.18 15.99
N LYS A 502 -11.06 -23.01 15.49
CA LYS A 502 -12.41 -22.52 15.72
C LYS A 502 -13.48 -23.08 14.77
N MET A 503 -13.06 -23.83 13.74
CA MET A 503 -13.99 -24.39 12.76
C MET A 503 -15.25 -25.03 13.36
N GLU A 504 -15.08 -25.98 14.27
CA GLU A 504 -16.21 -26.65 14.93
C GLU A 504 -17.24 -25.63 15.43
N GLU A 505 -16.75 -24.55 16.04
CA GLU A 505 -17.63 -23.52 16.57
C GLU A 505 -18.35 -22.70 15.50
N VAL A 506 -17.72 -22.50 14.36
CA VAL A 506 -18.34 -21.74 13.28
C VAL A 506 -19.47 -22.60 12.72
N VAL A 507 -19.20 -23.89 12.57
CA VAL A 507 -20.17 -24.87 12.07
C VAL A 507 -21.42 -24.87 12.95
N LYS A 508 -21.18 -24.87 14.25
CA LYS A 508 -22.24 -24.87 15.25
C LYS A 508 -23.09 -23.61 15.24
N ASP A 509 -22.44 -22.45 15.13
CA ASP A 509 -23.14 -21.16 15.11
C ASP A 509 -22.52 -20.20 14.09
N PRO A 510 -22.91 -20.34 12.81
CA PRO A 510 -22.38 -19.48 11.73
C PRO A 510 -23.06 -18.12 11.74
N ASN A 511 -22.48 -17.16 12.43
CA ASN A 511 -23.06 -15.83 12.48
C ASN A 511 -22.10 -14.75 12.02
N PRO A 512 -22.62 -13.61 11.56
CA PRO A 512 -21.82 -12.47 11.08
C PRO A 512 -20.78 -11.95 12.08
N ILE A 513 -21.25 -11.46 13.23
CA ILE A 513 -20.38 -10.92 14.29
C ILE A 513 -19.27 -11.88 14.70
N GLY A 514 -19.61 -13.14 14.87
CA GLY A 514 -18.62 -14.14 15.26
C GLY A 514 -17.53 -14.32 14.22
N ILE A 515 -17.93 -14.44 12.97
CA ILE A 515 -17.00 -14.62 11.87
C ILE A 515 -16.16 -13.36 11.67
N PHE A 516 -16.82 -12.19 11.71
CA PHE A 516 -16.11 -10.91 11.51
C PHE A 516 -15.13 -10.64 12.64
N HIS A 517 -15.50 -11.03 13.86
CA HIS A 517 -14.63 -10.86 15.01
C HIS A 517 -13.45 -11.83 14.87
N LEU A 518 -13.72 -13.05 14.41
CA LEU A 518 -12.68 -14.05 14.21
C LEU A 518 -11.58 -13.56 13.30
N ILE A 519 -11.95 -13.18 12.08
CA ILE A 519 -10.98 -12.69 11.11
C ILE A 519 -10.34 -11.38 11.52
N SER A 520 -11.04 -10.55 12.28
CA SER A 520 -10.49 -9.28 12.73
C SER A 520 -9.43 -9.41 13.82
N LEU A 521 -9.21 -10.65 14.23
CA LEU A 521 -8.24 -11.01 15.27
C LEU A 521 -7.01 -11.71 14.67
N THR A 522 -6.96 -11.78 13.34
CA THR A 522 -5.87 -12.43 12.62
C THR A 522 -4.72 -11.50 12.21
N PRO A 523 -3.54 -12.07 11.94
CA PRO A 523 -2.34 -11.33 11.53
C PRO A 523 -2.49 -10.75 10.12
N ASP A 524 -3.59 -11.06 9.45
CA ASP A 524 -3.81 -10.59 8.09
C ASP A 524 -4.72 -9.41 7.95
N ILE A 525 -5.10 -8.81 9.06
CA ILE A 525 -5.95 -7.65 9.01
C ILE A 525 -5.55 -6.68 10.11
N THR A 526 -5.62 -5.40 9.81
CA THR A 526 -5.29 -4.39 10.79
C THR A 526 -6.62 -3.78 11.13
N PRO A 527 -7.24 -4.26 12.22
CA PRO A 527 -8.54 -3.85 12.76
C PRO A 527 -8.67 -2.34 12.92
N PHE A 528 -9.83 -1.91 13.34
CA PHE A 528 -10.06 -0.49 13.58
C PHE A 528 -9.55 -0.21 14.98
N ASN A 529 -8.98 0.96 15.20
CA ASN A 529 -8.55 1.31 16.54
C ASN A 529 -9.79 1.92 17.18
N TYR A 530 -9.72 2.21 18.47
CA TYR A 530 -10.82 2.87 19.18
C TYR A 530 -10.27 3.79 20.26
N SER A 531 -11.07 4.78 20.65
CA SER A 531 -10.66 5.72 21.68
C SER A 531 -11.29 5.32 23.00
N LYS A 532 -10.69 5.75 24.11
CA LYS A 532 -11.22 5.44 25.44
C LYS A 532 -12.71 5.65 25.60
N ARG A 533 -13.25 6.68 24.94
CA ARG A 533 -14.68 6.96 25.02
C ARG A 533 -15.57 5.97 24.25
N GLU A 534 -14.97 5.09 23.46
CA GLU A 534 -15.75 4.11 22.68
C GLU A 534 -15.79 2.78 23.41
N PHE A 535 -14.86 2.62 24.36
CA PHE A 535 -14.71 1.40 25.14
C PHE A 535 -15.97 0.99 25.89
N GLU A 536 -16.49 1.91 26.67
CA GLU A 536 -17.68 1.66 27.48
C GLU A 536 -18.77 1.02 26.61
N ARG A 537 -19.15 1.74 25.56
CA ARG A 537 -20.18 1.28 24.63
C ARG A 537 -19.78 -0.05 23.99
N LEU A 538 -18.50 -0.20 23.65
CA LEU A 538 -18.01 -1.43 23.06
C LEU A 538 -18.17 -2.61 24.02
N GLU A 539 -17.93 -2.35 25.30
CA GLU A 539 -18.06 -3.39 26.33
C GLU A 539 -19.50 -3.90 26.42
N GLU A 540 -20.47 -2.98 26.32
CA GLU A 540 -21.89 -3.34 26.36
C GLU A 540 -22.20 -4.17 25.10
N GLU A 541 -21.86 -3.61 23.94
CA GLU A 541 -22.05 -4.28 22.65
C GLU A 541 -21.49 -5.68 22.77
N TYR A 542 -20.30 -5.79 23.34
CA TYR A 542 -19.62 -7.08 23.53
C TYR A 542 -20.44 -8.10 24.29
N TYR A 543 -20.80 -7.78 25.54
CA TYR A 543 -21.59 -8.69 26.38
C TYR A 543 -22.87 -9.09 25.68
N GLU A 544 -23.44 -8.13 24.97
CA GLU A 544 -24.68 -8.34 24.24
C GLU A 544 -24.53 -9.48 23.24
N PHE A 545 -23.34 -9.63 22.67
CA PHE A 545 -23.09 -10.66 21.67
C PHE A 545 -22.04 -11.71 22.03
N LYS A 546 -21.67 -11.78 23.31
CA LYS A 546 -20.65 -12.74 23.75
C LYS A 546 -21.02 -14.16 23.30
N ASP A 547 -22.31 -14.51 23.40
CA ASP A 547 -22.76 -15.84 22.98
C ASP A 547 -22.48 -16.19 21.51
N ARG A 548 -22.28 -15.17 20.67
CA ARG A 548 -22.01 -15.40 19.25
C ARG A 548 -20.52 -15.47 18.89
N LEU A 549 -19.64 -15.01 19.77
CA LEU A 549 -18.22 -15.02 19.46
C LEU A 549 -17.60 -16.40 19.55
N TYR A 550 -16.56 -16.64 18.77
CA TYR A 550 -15.89 -17.93 18.79
C TYR A 550 -14.72 -17.83 19.75
N PHE A 551 -14.04 -16.68 19.72
CA PHE A 551 -12.94 -16.37 20.61
C PHE A 551 -13.67 -15.47 21.60
N ASP A 552 -14.17 -16.06 22.70
CA ASP A 552 -14.95 -15.31 23.69
C ASP A 552 -14.20 -14.69 24.88
N ASP A 553 -12.87 -14.79 24.88
CA ASP A 553 -12.12 -14.25 26.01
C ASP A 553 -11.04 -13.18 25.71
N PRO A 554 -11.31 -11.92 26.10
CA PRO A 554 -10.40 -10.78 25.92
C PRO A 554 -9.08 -10.93 26.69
N TYR A 555 -8.96 -11.96 27.53
CA TYR A 555 -7.76 -12.10 28.33
C TYR A 555 -7.08 -13.46 28.37
N ILE A 556 -7.38 -14.35 27.43
CA ILE A 556 -6.75 -15.67 27.45
C ILE A 556 -5.20 -15.54 27.41
N SER A 557 -4.70 -14.34 27.11
CA SER A 557 -3.25 -14.11 27.04
C SER A 557 -2.76 -13.20 28.15
N GLY A 558 -3.71 -12.66 28.93
CA GLY A 558 -3.33 -11.77 30.01
C GLY A 558 -4.12 -10.47 30.09
N TYR A 559 -3.70 -9.62 31.02
CA TYR A 559 -4.36 -8.34 31.25
C TYR A 559 -3.70 -7.16 30.55
N ASP A 560 -2.60 -7.46 29.87
CA ASP A 560 -1.85 -6.46 29.16
C ASP A 560 -2.83 -5.51 28.48
N PRO A 561 -2.68 -4.20 28.73
CA PRO A 561 -3.57 -3.20 28.13
C PRO A 561 -3.64 -3.37 26.62
N TYR A 562 -2.65 -4.10 26.09
CA TYR A 562 -2.53 -4.38 24.66
C TYR A 562 -3.30 -5.62 24.19
N LEU A 563 -3.54 -6.57 25.08
CA LEU A 563 -4.28 -7.79 24.72
C LEU A 563 -5.78 -7.49 24.71
N GLU A 564 -6.24 -6.80 25.74
CA GLU A 564 -7.65 -6.42 25.86
C GLU A 564 -7.96 -5.49 24.69
N ARG A 565 -6.91 -4.81 24.24
CA ARG A 565 -6.94 -3.88 23.13
C ARG A 565 -7.22 -4.64 21.82
N LYS A 566 -6.29 -5.49 21.41
CA LYS A 566 -6.41 -6.28 20.16
C LYS A 566 -7.79 -6.91 20.01
N PHE A 567 -8.29 -7.47 21.12
CA PHE A 567 -9.60 -8.16 21.16
C PHE A 567 -10.78 -7.25 20.91
N PHE A 568 -10.78 -6.06 21.49
CA PHE A 568 -11.89 -5.16 21.28
C PHE A 568 -11.75 -4.43 19.96
N ARG A 569 -10.52 -4.35 19.45
CA ARG A 569 -10.26 -3.73 18.16
C ARG A 569 -11.01 -4.64 17.18
N ALA A 570 -10.80 -5.94 17.35
CA ALA A 570 -11.42 -6.95 16.54
C ALA A 570 -12.94 -6.95 16.65
N PHE A 571 -13.45 -6.65 17.85
CA PHE A 571 -14.89 -6.63 18.07
C PHE A 571 -15.60 -5.42 17.47
N LYS A 572 -14.98 -4.26 17.60
CA LYS A 572 -15.53 -3.02 17.05
C LYS A 572 -15.59 -3.20 15.54
N THR A 573 -14.50 -3.73 14.99
CA THR A 573 -14.36 -3.98 13.56
C THR A 573 -15.47 -4.88 13.04
N ALA A 574 -15.84 -5.90 13.82
CA ALA A 574 -16.89 -6.83 13.45
C ALA A 574 -18.25 -6.14 13.44
N LEU A 575 -18.44 -5.15 14.29
CA LEU A 575 -19.71 -4.45 14.34
C LEU A 575 -19.82 -3.56 13.12
N VAL A 576 -18.68 -3.01 12.70
CA VAL A 576 -18.61 -2.12 11.55
C VAL A 576 -18.93 -2.96 10.31
N LEU A 577 -18.30 -4.11 10.20
CA LEU A 577 -18.54 -5.01 9.08
C LEU A 577 -19.99 -5.51 9.06
N LEU A 578 -20.60 -5.61 10.23
CA LEU A 578 -21.99 -6.06 10.32
C LEU A 578 -22.86 -4.95 9.75
N ALA A 579 -22.64 -3.71 10.16
CA ALA A 579 -23.43 -2.59 9.65
C ALA A 579 -23.21 -2.44 8.14
N TRP A 580 -22.00 -2.78 7.70
CA TRP A 580 -21.61 -2.71 6.30
C TRP A 580 -22.48 -3.67 5.47
N ILE A 581 -22.43 -4.97 5.75
CA ILE A 581 -23.25 -5.92 5.02
C ILE A 581 -24.73 -5.63 5.24
N ASN A 582 -25.04 -4.98 6.36
CA ASN A 582 -26.41 -4.64 6.71
C ASN A 582 -26.86 -3.37 5.98
N GLU A 583 -26.02 -2.91 5.08
CA GLU A 583 -26.27 -1.74 4.24
C GLU A 583 -26.41 -0.39 4.89
N VAL A 584 -25.79 -0.23 6.04
CA VAL A 584 -25.81 1.05 6.74
C VAL A 584 -24.95 2.01 5.93
N PRO A 585 -25.50 3.20 5.61
CA PRO A 585 -24.81 4.24 4.82
C PRO A 585 -23.42 4.57 5.36
N GLU A 586 -22.46 4.73 4.45
CA GLU A 586 -21.10 5.04 4.83
C GLU A 586 -20.95 6.25 5.76
N GLY A 587 -21.69 7.31 5.49
CA GLY A 587 -21.60 8.49 6.33
C GLY A 587 -22.10 8.19 7.73
N GLU A 588 -22.97 7.21 7.82
CA GLU A 588 -23.56 6.78 9.08
C GLU A 588 -22.60 5.86 9.83
N ILE A 589 -21.95 4.96 9.10
CA ILE A 589 -21.00 4.03 9.70
C ILE A 589 -19.88 4.85 10.33
N VAL A 590 -19.29 5.74 9.54
CA VAL A 590 -18.20 6.62 9.97
C VAL A 590 -18.56 7.40 11.25
N GLU A 591 -19.82 7.80 11.31
CA GLU A 591 -20.34 8.56 12.44
C GLU A 591 -20.51 7.70 13.70
N LYS A 592 -21.38 6.70 13.60
CA LYS A 592 -21.69 5.81 14.70
C LYS A 592 -20.52 5.05 15.29
N TYR A 593 -19.79 4.33 14.45
CA TYR A 593 -18.66 3.52 14.92
C TYR A 593 -17.34 4.26 14.98
N SER A 594 -17.42 5.58 14.80
CA SER A 594 -16.26 6.46 14.86
C SER A 594 -15.06 5.90 14.11
N VAL A 595 -15.25 5.67 12.81
CA VAL A 595 -14.22 5.14 11.93
C VAL A 595 -14.12 6.02 10.69
N GLU A 596 -13.06 5.85 9.91
CA GLU A 596 -12.87 6.65 8.70
C GLU A 596 -12.97 5.90 7.38
N PRO A 597 -13.45 6.58 6.32
CA PRO A 597 -13.65 6.06 4.95
C PRO A 597 -12.53 5.19 4.40
N GLY A 598 -11.32 5.73 4.34
CA GLY A 598 -10.19 4.99 3.82
C GLY A 598 -9.99 3.67 4.55
N ASP A 599 -10.24 3.69 5.85
CA ASP A 599 -10.11 2.50 6.69
C ASP A 599 -11.18 1.49 6.36
N ILE A 600 -12.43 1.94 6.22
CA ILE A 600 -13.54 1.03 5.90
C ILE A 600 -13.19 0.33 4.60
N TYR A 601 -12.83 1.12 3.59
CA TYR A 601 -12.46 0.58 2.29
C TYR A 601 -11.41 -0.53 2.40
N ARG A 602 -10.37 -0.29 3.18
CA ARG A 602 -9.28 -1.24 3.36
C ARG A 602 -9.69 -2.48 4.14
N ILE A 603 -10.37 -2.29 5.29
CA ILE A 603 -10.84 -3.39 6.13
C ILE A 603 -11.79 -4.28 5.37
N VAL A 604 -12.69 -3.66 4.62
CA VAL A 604 -13.69 -4.38 3.84
C VAL A 604 -13.05 -5.26 2.78
N GLU A 605 -12.09 -4.70 2.06
CA GLU A 605 -11.40 -5.41 1.01
C GLU A 605 -10.67 -6.64 1.58
N THR A 606 -10.06 -6.48 2.75
CA THR A 606 -9.30 -7.53 3.42
C THR A 606 -10.21 -8.58 4.06
N ALA A 607 -11.26 -8.12 4.74
CA ALA A 607 -12.22 -9.00 5.36
C ALA A 607 -12.73 -10.00 4.34
N GLU A 608 -13.03 -9.50 3.11
CA GLU A 608 -13.54 -10.35 2.03
C GLU A 608 -12.59 -11.47 1.71
N TRP A 609 -11.31 -11.13 1.57
CA TRP A 609 -10.28 -12.12 1.28
C TRP A 609 -10.16 -13.12 2.43
N LEU A 610 -10.43 -12.64 3.64
CA LEU A 610 -10.37 -13.49 4.83
C LEU A 610 -11.60 -14.36 5.01
N VAL A 611 -12.79 -13.82 4.79
CA VAL A 611 -14.02 -14.62 4.88
C VAL A 611 -13.92 -15.69 3.79
N TYR A 612 -13.30 -15.34 2.67
CA TYR A 612 -13.10 -16.25 1.56
C TYR A 612 -12.17 -17.39 1.93
N SER A 613 -11.04 -17.03 2.53
CA SER A 613 -10.04 -18.00 2.93
C SER A 613 -10.56 -18.89 4.04
N LEU A 614 -11.48 -18.35 4.84
CA LEU A 614 -12.10 -19.11 5.92
C LEU A 614 -12.96 -20.21 5.26
N LYS A 615 -13.64 -19.83 4.19
CA LYS A 615 -14.49 -20.72 3.41
C LYS A 615 -13.63 -21.81 2.79
N GLU A 616 -12.51 -21.41 2.19
CA GLU A 616 -11.62 -22.38 1.56
C GLU A 616 -10.95 -23.30 2.59
N ILE A 617 -10.76 -22.81 3.81
CA ILE A 617 -10.17 -23.66 4.84
C ILE A 617 -11.23 -24.63 5.35
N ALA A 618 -12.47 -24.16 5.48
CA ALA A 618 -13.58 -25.01 5.90
C ALA A 618 -13.69 -26.19 4.92
N LYS A 619 -13.46 -25.92 3.64
CA LYS A 619 -13.51 -26.94 2.59
C LYS A 619 -12.46 -28.04 2.80
N VAL A 620 -11.22 -27.65 3.05
CA VAL A 620 -10.14 -28.62 3.25
C VAL A 620 -10.23 -29.34 4.60
N LEU A 621 -11.27 -29.01 5.36
CA LEU A 621 -11.47 -29.63 6.67
C LEU A 621 -12.82 -30.35 6.76
N GLY A 622 -13.59 -30.33 5.67
CA GLY A 622 -14.88 -30.98 5.67
C GLY A 622 -16.11 -30.14 6.01
N ALA A 623 -15.93 -28.96 6.62
CA ALA A 623 -17.06 -28.11 6.99
C ALA A 623 -17.86 -27.59 5.79
N TYR A 624 -18.27 -28.52 4.93
CA TYR A 624 -19.00 -28.21 3.71
C TYR A 624 -20.37 -27.55 3.87
N GLU A 625 -20.97 -27.68 5.04
CA GLU A 625 -22.30 -27.11 5.26
C GLU A 625 -22.32 -25.60 5.45
N ILE A 626 -21.18 -25.02 5.83
CA ILE A 626 -21.10 -23.57 6.02
C ILE A 626 -20.51 -22.89 4.78
N VAL A 627 -20.04 -23.68 3.83
CA VAL A 627 -19.44 -23.19 2.58
C VAL A 627 -20.33 -22.24 1.77
N ASP A 628 -21.60 -22.61 1.57
CA ASP A 628 -22.50 -21.72 0.82
C ASP A 628 -22.75 -20.44 1.62
N TYR A 629 -23.08 -20.61 2.90
CA TYR A 629 -23.33 -19.47 3.79
C TYR A 629 -22.17 -18.46 3.79
N LEU A 630 -20.95 -18.99 3.85
CA LEU A 630 -19.73 -18.21 3.86
C LEU A 630 -19.49 -17.47 2.55
N GLU A 631 -19.79 -18.13 1.43
CA GLU A 631 -19.64 -17.53 0.11
C GLU A 631 -20.61 -16.33 0.00
N THR A 632 -21.83 -16.52 0.50
CA THR A 632 -22.83 -15.45 0.49
C THR A 632 -22.45 -14.34 1.48
N LEU A 633 -21.66 -14.69 2.49
CA LEU A 633 -21.20 -13.71 3.46
C LEU A 633 -20.05 -12.95 2.83
N ARG A 634 -19.26 -13.67 2.03
CA ARG A 634 -18.12 -13.09 1.31
C ARG A 634 -18.57 -12.01 0.33
N VAL A 635 -19.58 -12.35 -0.49
CA VAL A 635 -20.13 -11.45 -1.49
C VAL A 635 -20.80 -10.27 -0.81
N ARG A 636 -21.39 -10.48 0.36
CA ARG A 636 -22.03 -9.39 1.05
C ARG A 636 -21.01 -8.43 1.65
N VAL A 637 -19.90 -9.00 2.14
CA VAL A 637 -18.82 -8.23 2.74
C VAL A 637 -18.15 -7.40 1.66
N LYS A 638 -18.01 -7.99 0.48
CA LYS A 638 -17.40 -7.32 -0.65
C LYS A 638 -18.11 -6.02 -1.08
N TYR A 639 -19.44 -6.03 -1.05
CA TYR A 639 -20.21 -4.87 -1.48
C TYR A 639 -20.96 -4.13 -0.39
N GLY A 640 -21.13 -4.74 0.77
CA GLY A 640 -21.85 -4.08 1.85
C GLY A 640 -23.31 -4.06 1.51
N ILE A 641 -23.81 -5.23 1.17
CA ILE A 641 -25.19 -5.36 0.75
C ILE A 641 -25.82 -6.60 1.31
N ARG A 642 -27.16 -6.62 1.30
CA ARG A 642 -27.90 -7.78 1.77
C ARG A 642 -27.94 -8.81 0.64
N GLU A 643 -28.24 -10.06 0.99
CA GLU A 643 -28.30 -11.16 0.02
C GLU A 643 -29.04 -10.89 -1.29
N GLU A 644 -30.21 -10.25 -1.23
CA GLU A 644 -30.99 -10.00 -2.44
C GLU A 644 -30.33 -9.05 -3.46
N LEU A 645 -29.48 -8.15 -2.98
CA LEU A 645 -28.82 -7.21 -3.87
C LEU A 645 -27.66 -7.79 -4.65
N ILE A 646 -27.26 -9.01 -4.32
CA ILE A 646 -26.12 -9.68 -4.96
C ILE A 646 -26.13 -9.76 -6.49
N PRO A 647 -27.26 -10.13 -7.13
CA PRO A 647 -27.26 -10.21 -8.59
C PRO A 647 -27.08 -8.89 -9.36
N LEU A 648 -27.39 -7.75 -8.71
CA LEU A 648 -27.28 -6.44 -9.33
C LEU A 648 -25.87 -5.88 -9.33
N MET A 649 -25.00 -6.48 -8.53
CA MET A 649 -23.61 -6.01 -8.37
C MET A 649 -22.69 -6.17 -9.56
N GLN A 650 -23.07 -6.98 -10.53
CA GLN A 650 -22.25 -7.15 -11.72
C GLN A 650 -22.44 -5.94 -12.64
N LEU A 651 -23.48 -5.16 -12.38
CA LEU A 651 -23.76 -3.96 -13.16
C LEU A 651 -22.70 -2.89 -12.92
N PRO A 652 -22.28 -2.18 -13.98
CA PRO A 652 -21.27 -1.12 -13.92
C PRO A 652 -21.71 0.09 -13.11
N LEU A 653 -20.78 0.60 -12.28
CA LEU A 653 -21.06 1.78 -11.47
C LEU A 653 -22.22 1.57 -10.49
N VAL A 654 -22.43 0.31 -10.10
CA VAL A 654 -23.49 -0.02 -9.18
C VAL A 654 -22.94 -0.56 -7.88
N GLY A 655 -23.07 0.26 -6.84
CA GLY A 655 -22.63 -0.08 -5.51
C GLY A 655 -23.80 -0.32 -4.59
N ARG A 656 -23.56 -0.22 -3.29
CA ARG A 656 -24.59 -0.44 -2.30
C ARG A 656 -25.80 0.41 -2.59
N ARG A 657 -25.60 1.72 -2.58
CA ARG A 657 -26.66 2.69 -2.80
C ARG A 657 -27.55 2.46 -4.01
N ARG A 658 -26.95 2.40 -5.20
CA ARG A 658 -27.69 2.22 -6.45
C ARG A 658 -28.37 0.86 -6.56
N ALA A 659 -27.72 -0.18 -6.06
CA ALA A 659 -28.27 -1.53 -6.08
C ALA A 659 -29.58 -1.57 -5.30
N ARG A 660 -29.63 -0.82 -4.21
CA ARG A 660 -30.80 -0.75 -3.34
C ARG A 660 -31.89 0.07 -4.02
N ALA A 661 -31.50 1.20 -4.60
CA ALA A 661 -32.45 2.08 -5.28
C ALA A 661 -33.09 1.35 -6.47
N LEU A 662 -32.31 0.50 -7.13
CA LEU A 662 -32.82 -0.27 -8.24
C LEU A 662 -33.76 -1.38 -7.79
N TYR A 663 -33.35 -2.10 -6.74
CA TYR A 663 -34.12 -3.20 -6.17
C TYR A 663 -35.43 -2.72 -5.56
N ASN A 664 -35.36 -1.60 -4.85
CA ASN A 664 -36.54 -1.03 -4.20
C ASN A 664 -37.51 -0.42 -5.18
N SER A 665 -37.04 -0.22 -6.41
CA SER A 665 -37.86 0.35 -7.46
C SER A 665 -38.40 -0.74 -8.40
N GLY A 666 -38.09 -1.99 -8.10
CA GLY A 666 -38.59 -3.09 -8.89
C GLY A 666 -37.61 -3.87 -9.72
N PHE A 667 -36.44 -3.28 -9.97
CA PHE A 667 -35.42 -3.93 -10.77
C PHE A 667 -34.53 -4.77 -9.86
N ARG A 668 -34.92 -6.02 -9.64
CA ARG A 668 -34.21 -6.93 -8.76
C ARG A 668 -33.18 -7.84 -9.43
N SER A 669 -33.30 -8.02 -10.74
CA SER A 669 -32.38 -8.89 -11.48
C SER A 669 -31.83 -8.19 -12.72
N ILE A 670 -30.90 -8.85 -13.40
CA ILE A 670 -30.34 -8.30 -14.61
C ILE A 670 -31.39 -8.36 -15.71
N GLU A 671 -32.25 -9.37 -15.62
CA GLU A 671 -33.34 -9.59 -16.58
C GLU A 671 -34.32 -8.42 -16.46
N ASP A 672 -34.59 -8.01 -15.22
CA ASP A 672 -35.46 -6.88 -14.95
C ASP A 672 -34.91 -5.58 -15.55
N ILE A 673 -33.59 -5.42 -15.50
CA ILE A 673 -32.93 -4.24 -16.03
C ILE A 673 -33.02 -4.22 -17.55
N SER A 674 -32.80 -5.38 -18.16
CA SER A 674 -32.84 -5.54 -19.61
C SER A 674 -34.19 -5.18 -20.25
N GLN A 675 -35.27 -5.66 -19.64
CA GLN A 675 -36.63 -5.41 -20.12
C GLN A 675 -37.09 -4.00 -19.70
N ALA A 676 -36.19 -3.03 -19.77
CA ALA A 676 -36.52 -1.68 -19.34
C ALA A 676 -36.00 -0.51 -20.18
N ARG A 677 -36.79 0.56 -20.19
CA ARG A 677 -36.48 1.80 -20.90
C ARG A 677 -35.64 2.70 -19.97
N PRO A 678 -34.71 3.48 -20.53
CA PRO A 678 -33.86 4.36 -19.72
C PRO A 678 -34.65 5.36 -18.90
N GLU A 679 -35.81 5.77 -19.43
CA GLU A 679 -36.68 6.73 -18.77
C GLU A 679 -37.05 6.21 -17.38
N GLU A 680 -37.22 4.90 -17.26
CA GLU A 680 -37.59 4.25 -16.01
C GLU A 680 -36.45 4.31 -14.99
N LEU A 681 -35.26 3.87 -15.41
CA LEU A 681 -34.09 3.89 -14.55
C LEU A 681 -33.70 5.29 -14.07
N LEU A 682 -33.84 6.29 -14.94
CA LEU A 682 -33.49 7.67 -14.58
C LEU A 682 -34.45 8.29 -13.56
N LYS A 683 -35.61 7.66 -13.37
CA LYS A 683 -36.57 8.16 -12.39
C LYS A 683 -36.17 7.77 -10.98
N ILE A 684 -35.32 6.74 -10.87
CA ILE A 684 -34.84 6.25 -9.59
C ILE A 684 -33.73 7.15 -9.02
N GLU A 685 -33.98 7.74 -7.87
CA GLU A 685 -33.02 8.65 -7.22
C GLU A 685 -31.70 7.94 -6.95
N GLY A 686 -30.64 8.41 -7.60
CA GLY A 686 -29.33 7.81 -7.41
C GLY A 686 -28.71 7.29 -8.70
N ILE A 687 -29.55 7.05 -9.69
CA ILE A 687 -29.08 6.59 -10.99
C ILE A 687 -29.10 7.79 -11.91
N GLY A 688 -27.91 8.27 -12.26
CA GLY A 688 -27.82 9.41 -13.13
C GLY A 688 -27.61 8.93 -14.55
N VAL A 689 -27.55 9.88 -15.48
CA VAL A 689 -27.37 9.56 -16.88
C VAL A 689 -26.16 8.69 -17.19
N LYS A 690 -25.02 8.98 -16.56
CA LYS A 690 -23.79 8.21 -16.81
C LYS A 690 -23.91 6.74 -16.42
N THR A 691 -24.67 6.46 -15.37
CA THR A 691 -24.91 5.10 -14.89
C THR A 691 -25.76 4.29 -15.88
N VAL A 692 -26.84 4.88 -16.36
CA VAL A 692 -27.75 4.23 -17.31
C VAL A 692 -27.00 3.92 -18.59
N GLU A 693 -26.10 4.81 -18.97
CA GLU A 693 -25.30 4.62 -20.19
C GLU A 693 -24.41 3.39 -19.99
N ALA A 694 -23.72 3.37 -18.86
CA ALA A 694 -22.84 2.25 -18.55
C ALA A 694 -23.63 0.95 -18.40
N ILE A 695 -24.85 1.06 -17.88
CA ILE A 695 -25.68 -0.12 -17.68
C ILE A 695 -26.16 -0.67 -19.00
N PHE A 696 -26.77 0.17 -19.83
CA PHE A 696 -27.25 -0.33 -21.13
C PHE A 696 -26.09 -0.79 -22.02
N LYS A 697 -24.96 -0.10 -21.90
CA LYS A 697 -23.80 -0.45 -22.66
C LYS A 697 -23.41 -1.87 -22.25
N PHE A 698 -23.52 -2.15 -20.95
CA PHE A 698 -23.19 -3.47 -20.40
C PHE A 698 -24.18 -4.55 -20.88
N LEU A 699 -25.44 -4.16 -21.04
CA LEU A 699 -26.47 -5.10 -21.49
C LEU A 699 -26.54 -5.27 -22.98
N GLY A 700 -25.52 -4.80 -23.68
CA GLY A 700 -25.51 -4.89 -25.13
C GLY A 700 -26.02 -3.58 -25.73
PG ACP B . 9.89 6.29 -8.34
O1G ACP B . 10.00 4.76 -8.49
O2G ACP B . 8.55 6.79 -8.86
O3G ACP B . 10.17 6.76 -6.89
PB ACP B . 10.95 8.65 -9.52
O1B ACP B . 12.20 9.19 -10.14
O2B ACP B . 10.42 9.47 -8.41
C3B ACP B . 11.26 7.10 -9.11
PA ACP B . 8.36 9.55 -10.83
O1A ACP B . 7.65 9.65 -9.47
O2A ACP B . 7.56 8.77 -11.86
O3A ACP B . 9.78 8.84 -10.65
O5' ACP B . 8.62 11.09 -11.05
C5' ACP B . 9.29 11.49 -12.24
C4' ACP B . 9.40 12.99 -12.60
O4' ACP B . 10.46 13.39 -13.41
C3' ACP B . 8.16 13.06 -13.39
O3' ACP B . 7.59 14.34 -13.33
C2' ACP B . 8.67 12.54 -14.76
O2' ACP B . 7.76 12.87 -15.78
C1' ACP B . 10.02 13.20 -14.77
N9 ACP B . 11.21 12.61 -15.52
C8 ACP B . 11.92 11.47 -15.41
N7 ACP B . 12.95 11.33 -16.25
C5 ACP B . 12.88 12.46 -16.95
C6 ACP B . 13.66 13.02 -18.02
N6 ACP B . 14.72 12.37 -18.56
N1 ACP B . 13.33 14.27 -18.55
C2 ACP B . 12.27 14.95 -18.05
N3 ACP B . 11.49 14.51 -17.05
C4 ACP B . 11.83 13.28 -16.54
#